data_9DP0
# 
_entry.id   9DP0 
# 
_audit_conform.dict_name       mmcif_pdbx.dic 
_audit_conform.dict_version    5.403 
_audit_conform.dict_location   http://mmcif.pdb.org/dictionaries/ascii/mmcif_pdbx.dic 
# 
loop_
_database_2.database_id 
_database_2.database_code 
_database_2.pdbx_database_accession 
_database_2.pdbx_DOI 
PDB   9DP0         pdb_00009dp0 10.2210/pdb9dp0/pdb 
WWPDB D_1000286091 ?            ?                   
# 
loop_
_pdbx_audit_revision_history.ordinal 
_pdbx_audit_revision_history.data_content_type 
_pdbx_audit_revision_history.major_revision 
_pdbx_audit_revision_history.minor_revision 
_pdbx_audit_revision_history.revision_date 
_pdbx_audit_revision_history.part_number 
1 'Structure model' 1 0 2025-04-30 ? 
2 'Structure model' 1 1 2025-05-07 ? 
# 
_pdbx_audit_revision_details.ordinal             1 
_pdbx_audit_revision_details.revision_ordinal    1 
_pdbx_audit_revision_details.data_content_type   'Structure model' 
_pdbx_audit_revision_details.provider            repository 
_pdbx_audit_revision_details.type                'Initial release' 
_pdbx_audit_revision_details.description         ? 
_pdbx_audit_revision_details.details             ? 
# 
_pdbx_audit_revision_group.ordinal             1 
_pdbx_audit_revision_group.revision_ordinal    2 
_pdbx_audit_revision_group.data_content_type   'Structure model' 
_pdbx_audit_revision_group.group               'Database references' 
# 
loop_
_pdbx_audit_revision_category.ordinal 
_pdbx_audit_revision_category.revision_ordinal 
_pdbx_audit_revision_category.data_content_type 
_pdbx_audit_revision_category.category 
1 2 'Structure model' citation        
2 2 'Structure model' citation_author 
# 
loop_
_pdbx_audit_revision_item.ordinal 
_pdbx_audit_revision_item.revision_ordinal 
_pdbx_audit_revision_item.data_content_type 
_pdbx_audit_revision_item.item 
1 2 'Structure model' '_citation.journal_volume'          
2 2 'Structure model' '_citation.page_first'              
3 2 'Structure model' '_citation.page_last'               
4 2 'Structure model' '_citation.pdbx_database_id_PubMed' 
5 2 'Structure model' '_citation.title'                   
6 2 'Structure model' '_citation_author.identifier_ORCID' 
# 
_pdbx_database_status.status_code                     REL 
_pdbx_database_status.status_code_sf                  REL 
_pdbx_database_status.status_code_mr                  ? 
_pdbx_database_status.entry_id                        9DP0 
_pdbx_database_status.recvd_initial_deposition_date   2024-09-20 
_pdbx_database_status.SG_entry                        N 
_pdbx_database_status.deposit_site                    RCSB 
_pdbx_database_status.process_site                    RCSB 
_pdbx_database_status.status_code_cs                  ? 
_pdbx_database_status.status_code_nmr_data            ? 
_pdbx_database_status.methods_development_category    ? 
_pdbx_database_status.pdb_format_compatible           N 
# 
_pdbx_database_related.db_name        PDB 
_pdbx_database_related.details        'Fibril state NMR structure of related peptide MAX1' 
_pdbx_database_related.db_id          2N1E 
_pdbx_database_related.content_type   unspecified 
# 
_pdbx_contact_author.id                 4 
_pdbx_contact_author.email              joel.schneider@nih.gov 
_pdbx_contact_author.name_first         Joel 
_pdbx_contact_author.name_last          Schneider 
_pdbx_contact_author.name_mi            P 
_pdbx_contact_author.role               'principal investigator/group leader' 
_pdbx_contact_author.identifier_ORCID   0000-0002-4403-7900 
# 
loop_
_audit_author.name 
_audit_author.pdbx_ordinal 
_audit_author.identifier_ORCID 
'Samdin, T.D.'    1 0000-0003-3516-9175 
'Lubkowski, J.'   2 0000-0002-8673-6347 
'Anderson, C.F.'  3 0000-0003-0760-1928 
'Schneider, J.P.' 4 0000-0002-4403-7900 
# 
_citation.abstract                  ? 
_citation.abstract_id_CAS           ? 
_citation.book_id_ISBN              ? 
_citation.book_publisher            ? 
_citation.book_publisher_city       ? 
_citation.book_title                ? 
_citation.coordinate_linkage        ? 
_citation.country                   US 
_citation.database_id_Medline       ? 
_citation.details                   ? 
_citation.id                        primary 
_citation.journal_abbrev            J.Am.Chem.Soc. 
_citation.journal_id_ASTM           JACSAT 
_citation.journal_id_CSD            ? 
_citation.journal_id_ISSN           1520-5126 
_citation.journal_full              ? 
_citation.journal_issue             ? 
_citation.journal_volume            147 
_citation.language                  ? 
_citation.page_first                14377 
_citation.page_last                 14387 
_citation.title                     
;From Hydrogel to Crystal: A Molecular Design Strategy that Chemically Modifies Racemic Gel-Forming Peptides to Furnish Crystalline Fibrils Stabilized by Parallel Rippled beta-Sheets.
;
_citation.year                      2025 
_citation.database_id_CSD           ? 
_citation.pdbx_database_id_DOI      10.1021/jacs.5c00671 
_citation.pdbx_database_id_PubMed   40252045 
_citation.pdbx_database_id_patent   ? 
_citation.unpublished_flag          ? 
# 
loop_
_citation_author.citation_id 
_citation_author.name 
_citation_author.ordinal 
_citation_author.identifier_ORCID 
primary 'Samdin, T.D.'    1 ?                   
primary 'Lubkowski, J.'   2 ?                   
primary 'Anderson, C.F.'  3 0000-0003-0760-1928 
primary 'Schneider, J.P.' 4 0000-0002-4403-7900 
# 
loop_
_entity.id 
_entity.type 
_entity.src_method 
_entity.pdbx_description 
_entity.formula_weight 
_entity.pdbx_number_of_molecules 
_entity.pdbx_ec 
_entity.pdbx_mutation 
_entity.pdbx_fragment 
_entity.details 
1 polymer     syn 'racemic, C-alpha methylated, macrocyclic beta-hairpin' 1453.895 4  ? ? ? ? 
2 non-polymer syn 'CITRATE ANION'                                         189.100  1  ? ? ? ? 
3 non-polymer syn 'PENTAETHYLENE GLYCOL'                                  238.278  1  ? ? ? ? 
4 water       nat water                                                   18.015   17 ? ? ? ? 
# 
_entity_poly.entity_id                      1 
_entity_poly.type                           'polypeptide(L)' 
_entity_poly.nstd_linkage                   no 
_entity_poly.nstd_monomer                   yes 
_entity_poly.pdbx_seq_one_letter_code       '(ORN)VKVKV(DPR)PTK(A1A8T)KV' 
_entity_poly.pdbx_seq_one_letter_code_can   AVKVKVPPTKXKV 
_entity_poly.pdbx_strand_id                 A,B,C,D 
_entity_poly.pdbx_target_identifier         ? 
# 
loop_
_pdbx_entity_nonpoly.entity_id 
_pdbx_entity_nonpoly.name 
_pdbx_entity_nonpoly.comp_id 
2 'CITRATE ANION'        FLC 
3 'PENTAETHYLENE GLYCOL' 1PE 
4 water                  HOH 
# 
loop_
_entity_poly_seq.entity_id 
_entity_poly_seq.num 
_entity_poly_seq.mon_id 
_entity_poly_seq.hetero 
1 1  ORN   n 
1 2  VAL   n 
1 3  LYS   n 
1 4  VAL   n 
1 5  LYS   n 
1 6  VAL   n 
1 7  DPR   n 
1 8  PRO   n 
1 9  THR   n 
1 10 LYS   n 
1 11 A1A8T n 
1 12 LYS   n 
1 13 VAL   n 
# 
_pdbx_entity_src_syn.entity_id              1 
_pdbx_entity_src_syn.pdbx_src_id            1 
_pdbx_entity_src_syn.pdbx_alt_source_flag   sample 
_pdbx_entity_src_syn.pdbx_beg_seq_num       1 
_pdbx_entity_src_syn.pdbx_end_seq_num       13 
_pdbx_entity_src_syn.organism_scientific    'synthetic construct' 
_pdbx_entity_src_syn.organism_common_name   ? 
_pdbx_entity_src_syn.ncbi_taxonomy_id       32630 
_pdbx_entity_src_syn.details                ? 
# 
loop_
_chem_comp.id 
_chem_comp.type 
_chem_comp.mon_nstd_flag 
_chem_comp.name 
_chem_comp.pdbx_synonyms 
_chem_comp.formula 
_chem_comp.formula_weight 
1PE   non-polymer         . 'PENTAETHYLENE GLYCOL' PEG400 'C10 H22 O6'     238.278 
A1A8T 'L-peptide linking' n 3-methyl-L-isovaline   ?      'C6 H13 N O2'    131.173 
DPR   'D-peptide linking' . D-PROLINE              ?      'C5 H9 N O2'     115.130 
FLC   non-polymer         . 'CITRATE ANION'        ?      'C6 H5 O7 -3'    189.100 
HOH   non-polymer         . WATER                  ?      'H2 O'           18.015  
LYS   'L-peptide linking' y LYSINE                 ?      'C6 H15 N2 O2 1' 147.195 
ORN   'L-peptide linking' n L-ornithine            ?      'C5 H12 N2 O2'   132.161 
PRO   'L-peptide linking' y PROLINE                ?      'C5 H9 N O2'     115.130 
THR   'L-peptide linking' y THREONINE              ?      'C4 H9 N O3'     119.119 
VAL   'L-peptide linking' y VALINE                 ?      'C5 H11 N O2'    117.146 
# 
loop_
_pdbx_poly_seq_scheme.asym_id 
_pdbx_poly_seq_scheme.entity_id 
_pdbx_poly_seq_scheme.seq_id 
_pdbx_poly_seq_scheme.mon_id 
_pdbx_poly_seq_scheme.ndb_seq_num 
_pdbx_poly_seq_scheme.pdb_seq_num 
_pdbx_poly_seq_scheme.auth_seq_num 
_pdbx_poly_seq_scheme.pdb_mon_id 
_pdbx_poly_seq_scheme.auth_mon_id 
_pdbx_poly_seq_scheme.pdb_strand_id 
_pdbx_poly_seq_scheme.pdb_ins_code 
_pdbx_poly_seq_scheme.hetero 
A 1 1  ORN   1  13 13 ORN   ORN A . n 
A 1 2  VAL   2  1  1  VAL   VAL A . n 
A 1 3  LYS   3  2  2  LYS   LYS A . n 
A 1 4  VAL   4  3  3  VAL   VAL A . n 
A 1 5  LYS   5  4  4  LYS   LYS A . n 
A 1 6  VAL   6  5  5  VAL   VAL A . n 
A 1 7  DPR   7  6  6  DPR   DPR A . n 
A 1 8  PRO   8  7  7  PRO   PRO A . n 
A 1 9  THR   9  8  8  THR   THR A . n 
A 1 10 LYS   10 9  9  LYS   LYS A . n 
A 1 11 A1A8T 11 10 10 A1A8T LIG A . n 
A 1 12 LYS   12 11 11 LYS   LYS A . n 
A 1 13 VAL   13 12 12 VAL   VAL A . n 
B 1 1  ORN   1  13 13 ORN   ORN B . n 
B 1 2  VAL   2  1  1  VAL   VAL B . n 
B 1 3  LYS   3  2  2  LYS   LYS B . n 
B 1 4  VAL   4  3  3  VAL   VAL B . n 
B 1 5  LYS   5  4  4  LYS   LYS B . n 
B 1 6  VAL   6  5  5  VAL   VAL B . n 
B 1 7  DPR   7  6  6  DPR   DPR B . n 
B 1 8  PRO   8  7  7  PRO   PRO B . n 
B 1 9  THR   9  8  8  THR   THR B . n 
B 1 10 LYS   10 9  9  LYS   LYS B . n 
B 1 11 A1A8T 11 10 10 A1A8T LIG B . n 
B 1 12 LYS   12 11 11 LYS   LYS B . n 
B 1 13 VAL   13 12 12 VAL   VAL B . n 
C 1 1  ORN   1  13 13 ORN   ORN C . n 
C 1 2  VAL   2  1  1  VAL   VAL C . n 
C 1 3  LYS   3  2  2  LYS   LYS C . n 
C 1 4  VAL   4  3  3  VAL   VAL C . n 
C 1 5  LYS   5  4  4  LYS   LYS C . n 
C 1 6  VAL   6  5  5  VAL   VAL C . n 
C 1 7  DPR   7  6  6  DPR   DPR C . n 
C 1 8  PRO   8  7  7  PRO   PRO C . n 
C 1 9  THR   9  8  8  THR   THR C . n 
C 1 10 LYS   10 9  9  LYS   LYS C . n 
C 1 11 A1A8T 11 10 10 A1A8T LIG C . n 
C 1 12 LYS   12 11 11 LYS   LYS C . n 
C 1 13 VAL   13 12 12 VAL   VAL C . n 
D 1 1  ORN   1  13 13 ORN   ORN D . n 
D 1 2  VAL   2  1  1  VAL   VAL D . n 
D 1 3  LYS   3  2  2  LYS   LYS D . n 
D 1 4  VAL   4  3  3  VAL   VAL D . n 
D 1 5  LYS   5  4  4  LYS   LYS D . n 
D 1 6  VAL   6  5  5  VAL   VAL D . n 
D 1 7  DPR   7  6  6  DPR   DPR D . n 
D 1 8  PRO   8  7  7  PRO   PRO D . n 
D 1 9  THR   9  8  8  THR   THR D . n 
D 1 10 LYS   10 9  9  LYS   LYS D . n 
D 1 11 A1A8T 11 10 10 A1A8T LIG D . n 
D 1 12 LYS   12 11 11 LYS   LYS D . n 
D 1 13 VAL   13 12 12 VAL   VAL D . n 
# 
loop_
_pdbx_nonpoly_scheme.asym_id 
_pdbx_nonpoly_scheme.entity_id 
_pdbx_nonpoly_scheme.mon_id 
_pdbx_nonpoly_scheme.ndb_seq_num 
_pdbx_nonpoly_scheme.pdb_seq_num 
_pdbx_nonpoly_scheme.auth_seq_num 
_pdbx_nonpoly_scheme.pdb_mon_id 
_pdbx_nonpoly_scheme.auth_mon_id 
_pdbx_nonpoly_scheme.pdb_strand_id 
_pdbx_nonpoly_scheme.pdb_ins_code 
E 2 FLC 1 101 2  FLC FLC B . 
F 3 1PE 1 101 1  1PE 1PE D . 
G 4 HOH 1 101 6  HOH HOH A . 
G 4 HOH 2 102 4  HOH HOH A . 
G 4 HOH 3 103 16 HOH HOH A . 
H 4 HOH 1 201 21 HOH HOH B . 
H 4 HOH 2 202 23 HOH HOH B . 
H 4 HOH 3 203 18 HOH HOH B . 
H 4 HOH 4 204 3  HOH HOH B . 
H 4 HOH 5 205 2  HOH HOH B . 
H 4 HOH 6 206 22 HOH HOH B . 
I 4 HOH 1 101 24 HOH HOH C . 
I 4 HOH 2 102 1  HOH HOH C . 
I 4 HOH 3 103 40 HOH HOH C . 
I 4 HOH 4 104 5  HOH HOH C . 
I 4 HOH 5 105 31 HOH HOH C . 
J 4 HOH 1 201 15 HOH HOH D . 
J 4 HOH 2 202 46 HOH HOH D . 
J 4 HOH 3 203 11 HOH HOH D . 
# 
loop_
_software.citation_id 
_software.classification 
_software.compiler_name 
_software.compiler_version 
_software.contact_author 
_software.contact_author_email 
_software.date 
_software.description 
_software.dependencies 
_software.hardware 
_software.language 
_software.location 
_software.mods 
_software.name 
_software.os 
_software.os_version 
_software.type 
_software.version 
_software.pdbx_ordinal 
? refinement       ? ? ? ? ? ? ? ? ? ? ? REFMAC ? ? ? 5.8.0425 1 
? 'data scaling'   ? ? ? ? ? ? ? ? ? ? ? DIALS  ? ? ? .        2 
? 'data reduction' ? ? ? ? ? ? ? ? ? ? ? DIALS  ? ? ? .        3 
? phasing          ? ? ? ? ? ? ? ? ? ? ? PHASER ? ? ? .        4 
# 
_cell.angle_alpha                  76.04 
_cell.angle_alpha_esd              ? 
_cell.angle_beta                   70.87 
_cell.angle_beta_esd               ? 
_cell.angle_gamma                  65.18 
_cell.angle_gamma_esd              ? 
_cell.entry_id                     9DP0 
_cell.details                      ? 
_cell.formula_units_Z              ? 
_cell.length_a                     28.267 
_cell.length_a_esd                 ? 
_cell.length_b                     32.657 
_cell.length_b_esd                 ? 
_cell.length_c                     36.565 
_cell.length_c_esd                 ? 
_cell.volume                       ? 
_cell.volume_esd                   ? 
_cell.Z_PDB                        8 
_cell.reciprocal_angle_alpha       ? 
_cell.reciprocal_angle_beta        ? 
_cell.reciprocal_angle_gamma       ? 
_cell.reciprocal_angle_alpha_esd   ? 
_cell.reciprocal_angle_beta_esd    ? 
_cell.reciprocal_angle_gamma_esd   ? 
_cell.reciprocal_length_a          ? 
_cell.reciprocal_length_b          ? 
_cell.reciprocal_length_c          ? 
_cell.reciprocal_length_a_esd      ? 
_cell.reciprocal_length_b_esd      ? 
_cell.reciprocal_length_c_esd      ? 
_cell.pdbx_unique_axis             ? 
_cell.pdbx_esd_method              ? 
# 
_symmetry.entry_id                         9DP0 
_symmetry.cell_setting                     ? 
_symmetry.Int_Tables_number                2 
_symmetry.space_group_name_Hall            ? 
_symmetry.space_group_name_H-M             'P -1' 
_symmetry.pdbx_full_space_group_name_H-M   ? 
# 
_exptl.absorpt_coefficient_mu     ? 
_exptl.absorpt_correction_T_max   ? 
_exptl.absorpt_correction_T_min   ? 
_exptl.absorpt_correction_type    ? 
_exptl.absorpt_process_details    ? 
_exptl.entry_id                   9DP0 
_exptl.crystals_number            1 
_exptl.details                    ? 
_exptl.method                     'X-RAY DIFFRACTION' 
_exptl.method_details             ? 
# 
_exptl_crystal.colour                       ? 
_exptl_crystal.density_diffrn               ? 
_exptl_crystal.density_Matthews             2.47 
_exptl_crystal.density_method               ? 
_exptl_crystal.density_percent_sol          50.21 
_exptl_crystal.description                  ? 
_exptl_crystal.F_000                        ? 
_exptl_crystal.id                           1 
_exptl_crystal.preparation                  ? 
_exptl_crystal.size_max                     ? 
_exptl_crystal.size_mid                     ? 
_exptl_crystal.size_min                     ? 
_exptl_crystal.size_rad                     ? 
_exptl_crystal.colour_lustre                ? 
_exptl_crystal.colour_modifier              ? 
_exptl_crystal.colour_primary               ? 
_exptl_crystal.density_meas                 ? 
_exptl_crystal.density_meas_esd             ? 
_exptl_crystal.density_meas_gt              ? 
_exptl_crystal.density_meas_lt              ? 
_exptl_crystal.density_meas_temp            ? 
_exptl_crystal.density_meas_temp_esd        ? 
_exptl_crystal.density_meas_temp_gt         ? 
_exptl_crystal.density_meas_temp_lt         ? 
_exptl_crystal.pdbx_crystal_image_url       ? 
_exptl_crystal.pdbx_crystal_image_format    ? 
_exptl_crystal.pdbx_mosaicity               ? 
_exptl_crystal.pdbx_mosaicity_esd           ? 
_exptl_crystal.pdbx_mosaic_method           ? 
_exptl_crystal.pdbx_mosaic_block_size       ? 
_exptl_crystal.pdbx_mosaic_block_size_esd   ? 
# 
_exptl_crystal_grow.apparatus       ? 
_exptl_crystal_grow.atmosphere      ? 
_exptl_crystal_grow.crystal_id      1 
_exptl_crystal_grow.details         ? 
_exptl_crystal_grow.method          'VAPOR DIFFUSION, HANGING DROP' 
_exptl_crystal_grow.method_ref      ? 
_exptl_crystal_grow.pH              ? 
_exptl_crystal_grow.pressure        ? 
_exptl_crystal_grow.pressure_esd    ? 
_exptl_crystal_grow.seeding         ? 
_exptl_crystal_grow.seeding_ref     ? 
_exptl_crystal_grow.temp_details    ? 
_exptl_crystal_grow.temp_esd        ? 
_exptl_crystal_grow.time            ? 
_exptl_crystal_grow.pdbx_details    '0.2 M ammonium tartrate dibasic, pH 6.0-6.3, 26-36% v/v PEG MME' 
_exptl_crystal_grow.pdbx_pH_range   ? 
_exptl_crystal_grow.temp            298 
# 
_diffrn.ambient_environment              ? 
_diffrn.ambient_temp                     100 
_diffrn.ambient_temp_details             ? 
_diffrn.ambient_temp_esd                 ? 
_diffrn.crystal_id                       1 
_diffrn.crystal_support                  ? 
_diffrn.crystal_treatment                ? 
_diffrn.details                          ? 
_diffrn.id                               1 
_diffrn.ambient_pressure                 ? 
_diffrn.ambient_pressure_esd             ? 
_diffrn.ambient_pressure_gt              ? 
_diffrn.ambient_pressure_lt              ? 
_diffrn.ambient_temp_gt                  ? 
_diffrn.ambient_temp_lt                  ? 
_diffrn.pdbx_serial_crystal_experiment   N 
# 
_diffrn_detector.details                      ? 
_diffrn_detector.detector                     PIXEL 
_diffrn_detector.diffrn_id                    1 
_diffrn_detector.type                         'DECTRIS EIGER X 16M' 
_diffrn_detector.area_resol_mean              ? 
_diffrn_detector.dtime                        ? 
_diffrn_detector.pdbx_frames_total            ? 
_diffrn_detector.pdbx_collection_time_total   ? 
_diffrn_detector.pdbx_collection_date         2023-03-03 
_diffrn_detector.pdbx_frequency               ? 
_diffrn_detector.id                           ? 
_diffrn_detector.number_of_axes               ? 
# 
_diffrn_radiation.collimation                      ? 
_diffrn_radiation.diffrn_id                        1 
_diffrn_radiation.filter_edge                      ? 
_diffrn_radiation.inhomogeneity                    ? 
_diffrn_radiation.monochromator                    ? 
_diffrn_radiation.polarisn_norm                    ? 
_diffrn_radiation.polarisn_ratio                   ? 
_diffrn_radiation.probe                            ? 
_diffrn_radiation.type                             ? 
_diffrn_radiation.xray_symbol                      ? 
_diffrn_radiation.wavelength_id                    1 
_diffrn_radiation.pdbx_monochromatic_or_laue_m_l   M 
_diffrn_radiation.pdbx_wavelength_list             ? 
_diffrn_radiation.pdbx_wavelength                  ? 
_diffrn_radiation.pdbx_diffrn_protocol             'SINGLE WAVELENGTH' 
_diffrn_radiation.pdbx_analyzer                    ? 
_diffrn_radiation.pdbx_scattering_type             x-ray 
# 
_diffrn_radiation_wavelength.id           1 
_diffrn_radiation_wavelength.wavelength   1.00 
_diffrn_radiation_wavelength.wt           1.0 
# 
_diffrn_source.current                     ? 
_diffrn_source.details                     ? 
_diffrn_source.diffrn_id                   1 
_diffrn_source.power                       ? 
_diffrn_source.size                        ? 
_diffrn_source.source                      SYNCHROTRON 
_diffrn_source.target                      ? 
_diffrn_source.type                        'APS BEAMLINE 22-ID' 
_diffrn_source.voltage                     ? 
_diffrn_source.take-off_angle              ? 
_diffrn_source.pdbx_wavelength_list        1.00 
_diffrn_source.pdbx_wavelength             ? 
_diffrn_source.pdbx_synchrotron_beamline   22-ID 
_diffrn_source.pdbx_synchrotron_site       APS 
# 
_reflns.B_iso_Wilson_estimate                          ? 
_reflns.entry_id                                       9DP0 
_reflns.data_reduction_details                         ? 
_reflns.data_reduction_method                          ? 
_reflns.d_resolution_high                              2.00 
_reflns.d_resolution_low                               29.42 
_reflns.details                                        ? 
_reflns.limit_h_max                                    ? 
_reflns.limit_h_min                                    ? 
_reflns.limit_k_max                                    ? 
_reflns.limit_k_min                                    ? 
_reflns.limit_l_max                                    ? 
_reflns.limit_l_min                                    ? 
_reflns.number_all                                     ? 
_reflns.number_obs                                     6796 
_reflns.observed_criterion                             ? 
_reflns.observed_criterion_F_max                       ? 
_reflns.observed_criterion_F_min                       ? 
_reflns.observed_criterion_I_max                       ? 
_reflns.observed_criterion_I_min                       ? 
_reflns.observed_criterion_sigma_F                     ? 
_reflns.observed_criterion_sigma_I                     ? 
_reflns.percent_possible_obs                           90.4 
_reflns.R_free_details                                 ? 
_reflns.Rmerge_F_all                                   ? 
_reflns.Rmerge_F_obs                                   ? 
_reflns.Friedel_coverage                               ? 
_reflns.number_gt                                      ? 
_reflns.threshold_expression                           ? 
_reflns.pdbx_redundancy                                4.2 
_reflns.pdbx_netI_over_av_sigmaI                       ? 
_reflns.pdbx_netI_over_sigmaI                          16.4 
_reflns.pdbx_res_netI_over_av_sigmaI_2                 ? 
_reflns.pdbx_res_netI_over_sigmaI_2                    ? 
_reflns.pdbx_chi_squared                               ? 
_reflns.pdbx_scaling_rejects                           ? 
_reflns.pdbx_d_res_high_opt                            ? 
_reflns.pdbx_d_res_low_opt                             ? 
_reflns.pdbx_d_res_opt_method                          ? 
_reflns.phase_calculation_details                      ? 
_reflns.pdbx_Rrim_I_all                                0.132 
_reflns.pdbx_Rpim_I_all                                0.099 
_reflns.pdbx_d_opt                                     ? 
_reflns.pdbx_number_measured_all                       ? 
_reflns.pdbx_diffrn_id                                 1 
_reflns.pdbx_ordinal                                   1 
_reflns.pdbx_CC_half                                   0.996 
_reflns.pdbx_CC_star                                   ? 
_reflns.pdbx_R_split                                   ? 
_reflns.pdbx_Rmerge_I_obs                              0.114 
_reflns.pdbx_Rmerge_I_all                              ? 
_reflns.pdbx_Rsym_value                                ? 
_reflns.pdbx_CC_split_method                           ? 
_reflns.pdbx_aniso_diffraction_limit_axis_1_ortho[1]   ? 
_reflns.pdbx_aniso_diffraction_limit_axis_1_ortho[2]   ? 
_reflns.pdbx_aniso_diffraction_limit_axis_1_ortho[3]   ? 
_reflns.pdbx_aniso_diffraction_limit_axis_2_ortho[1]   ? 
_reflns.pdbx_aniso_diffraction_limit_axis_2_ortho[2]   ? 
_reflns.pdbx_aniso_diffraction_limit_axis_2_ortho[3]   ? 
_reflns.pdbx_aniso_diffraction_limit_axis_3_ortho[1]   ? 
_reflns.pdbx_aniso_diffraction_limit_axis_3_ortho[2]   ? 
_reflns.pdbx_aniso_diffraction_limit_axis_3_ortho[3]   ? 
_reflns.pdbx_aniso_diffraction_limit_1                 ? 
_reflns.pdbx_aniso_diffraction_limit_2                 ? 
_reflns.pdbx_aniso_diffraction_limit_3                 ? 
_reflns.pdbx_aniso_B_tensor_eigenvector_1_ortho[1]     ? 
_reflns.pdbx_aniso_B_tensor_eigenvector_1_ortho[2]     ? 
_reflns.pdbx_aniso_B_tensor_eigenvector_1_ortho[3]     ? 
_reflns.pdbx_aniso_B_tensor_eigenvector_2_ortho[1]     ? 
_reflns.pdbx_aniso_B_tensor_eigenvector_2_ortho[2]     ? 
_reflns.pdbx_aniso_B_tensor_eigenvector_2_ortho[3]     ? 
_reflns.pdbx_aniso_B_tensor_eigenvector_3_ortho[1]     ? 
_reflns.pdbx_aniso_B_tensor_eigenvector_3_ortho[2]     ? 
_reflns.pdbx_aniso_B_tensor_eigenvector_3_ortho[3]     ? 
_reflns.pdbx_aniso_B_tensor_eigenvalue_1               ? 
_reflns.pdbx_aniso_B_tensor_eigenvalue_2               ? 
_reflns.pdbx_aniso_B_tensor_eigenvalue_3               ? 
_reflns.pdbx_orthogonalization_convention              ? 
_reflns.pdbx_percent_possible_ellipsoidal              ? 
_reflns.pdbx_percent_possible_spherical                ? 
_reflns.pdbx_percent_possible_ellipsoidal_anomalous    ? 
_reflns.pdbx_percent_possible_spherical_anomalous      ? 
_reflns.pdbx_redundancy_anomalous                      ? 
_reflns.pdbx_CC_half_anomalous                         ? 
_reflns.pdbx_absDiff_over_sigma_anomalous              ? 
_reflns.pdbx_percent_possible_anomalous                ? 
_reflns.pdbx_observed_signal_threshold                 ? 
_reflns.pdbx_signal_type                               ? 
_reflns.pdbx_signal_details                            ? 
_reflns.pdbx_signal_software_id                        ? 
# 
loop_
_reflns_shell.d_res_high 
_reflns_shell.d_res_low 
_reflns_shell.meanI_over_sigI_all 
_reflns_shell.meanI_over_sigI_obs 
_reflns_shell.number_measured_all 
_reflns_shell.number_measured_obs 
_reflns_shell.number_possible 
_reflns_shell.number_unique_all 
_reflns_shell.number_unique_obs 
_reflns_shell.percent_possible_obs 
_reflns_shell.Rmerge_F_all 
_reflns_shell.Rmerge_F_obs 
_reflns_shell.meanI_over_sigI_gt 
_reflns_shell.meanI_over_uI_all 
_reflns_shell.meanI_over_uI_gt 
_reflns_shell.number_measured_gt 
_reflns_shell.number_unique_gt 
_reflns_shell.percent_possible_gt 
_reflns_shell.Rmerge_F_gt 
_reflns_shell.Rmerge_I_gt 
_reflns_shell.pdbx_redundancy 
_reflns_shell.pdbx_chi_squared 
_reflns_shell.pdbx_netI_over_sigmaI_all 
_reflns_shell.pdbx_netI_over_sigmaI_obs 
_reflns_shell.pdbx_Rrim_I_all 
_reflns_shell.pdbx_Rpim_I_all 
_reflns_shell.pdbx_rejects 
_reflns_shell.pdbx_ordinal 
_reflns_shell.pdbx_diffrn_id 
_reflns_shell.pdbx_CC_half 
_reflns_shell.pdbx_CC_star 
_reflns_shell.pdbx_R_split 
_reflns_shell.percent_possible_all 
_reflns_shell.Rmerge_I_all 
_reflns_shell.Rmerge_I_obs 
_reflns_shell.pdbx_Rsym_value 
_reflns_shell.pdbx_percent_possible_ellipsoidal 
_reflns_shell.pdbx_percent_possible_spherical 
_reflns_shell.pdbx_percent_possible_ellipsoidal_anomalous 
_reflns_shell.pdbx_percent_possible_spherical_anomalous 
_reflns_shell.pdbx_redundancy_anomalous 
_reflns_shell.pdbx_CC_half_anomalous 
_reflns_shell.pdbx_absDiff_over_sigma_anomalous 
_reflns_shell.pdbx_percent_possible_anomalous 
5.42 29.43 ? ? ? ? ? ? 328  ? ? ? ? ? ? ? ? ? ? ? ? ? ? ? 0.077 0.042 ? 1  1 0.995 ? ? 89.13 ? 0.064  ? ? ? ? ? ? ? ? ? 
4.31 5.42  ? ? ? ? ? ? 359  ? ? ? ? ? ? ? ? ? ? ? ? ? ? ? 0.079 0.040 ? 2  1 0.997 ? ? 93.01 ? 0.0678 ? ? ? ? ? ? ? ? ? 
3.76 4.31  ? ? ? ? ? ? 373  ? ? ? ? ? ? ? ? ? ? ? ? ? ? ? 0.122 0.061 ? 3  1 0.987 ? ? ?     ? 0.106  ? ? ? ? ? ? ? ? ? 
3.42 3.76  ? ? ? ? ? ? 298  ? ? ? ? ? ? ? ? ? ? ? ? ? ? ? 0.127 0.064 ? 4  1 0.992 ? ? ?     ? 0.110  ? ? ? ? ? ? ? ? ? 
3.17 3.42  ? ? ? ? ? ? 325  ? ? ? ? ? ? ? ? ? ? ? ? ? ? ? 0.136 0.067 ? 5  1 0.987 ? ? ?     ? 0.118  ? ? ? ? ? ? ? ? ? 
2.99 3.17  ? ? ? ? ? ? 342  ? ? ? ? ? ? ? ? ? ? ? ? ? ? ? 0.143 0.071 ? 6  1 0.987 ? ? ?     ? 0.125  ? ? ? ? ? ? ? ? ? 
2.84 2.99  ? ? ? ? ? ? 344  ? ? ? ? ? ? ? ? ? ? ? ? ? ? ? 0.167 0.081 ? 7  1 0.991 ? ? ?     ? 0.145  ? ? ? ? ? ? ? ? ? 
2.71 2.84  ? ? ? ? ? ? 357  ? ? ? ? ? ? ? ? ? ? ? ? ? ? ? 0.156 0.075 ? 8  1 0.991 ? ? ?     ? 0.137  ? ? ? ? ? ? ? ? ? 
2.61 2.71  ? ? ? ? ? ? 353  ? ? ? ? ? ? ? ? ? ? ? ? ? ? ? 0.205 0.101 ? 9  1 0.981 ? ? ?     ? 0.179  ? ? ? ? ? ? ? ? ? 
2.52 2.61  ? ? ? ? ? ? 358  ? ? ? ? ? ? ? ? ? ? ? ? ? ? ? 0.197 0.095 ? 10 1 0.980 ? ? ?     ? 0.172  ? ? ? ? ? ? ? ? ? 
2.44 2.52  ? ? ? ? ? ? 296  ? ? ? ? ? ? ? ? ? ? ? ? ? ? ? 0.198 0.096 ? 11 1 0.975 ? ? ?     ? 0.173  ? ? ? ? ? ? ? ? ? 
2.37 2.44  ? ? ? ? ? ? 299  ? ? ? ? ? ? ? ? ? ? ? ? ? ? ? 0.185 0.090 ? 12 1 0.980 ? ? ?     ? 0.162  ? ? ? ? ? ? ? ? ? 
2.31 2.37  ? ? ? ? ? ? 357  ? ? ? ? ? ? ? ? ? ? ? ? ? ? ? 0.205 0.099 ? 13 1 0.977 ? ? ?     ? 0.179  ? ? ? ? ? ? ? ? ? 
2.25 2.31  ? ? ? ? ? ? 336  ? ? ? ? ? ? ? ? ? ? ? ? ? ? ? 0.221 0.108 ? 14 1 0.985 ? ? ?     ? 0.192  ? ? ? ? ? ? ? ? ? 
2.20 2.25  ? ? ? ? ? ? 336  ? ? ? ? ? ? ? ? ? ? ? ? ? ? ? 0.215 0.103 ? 15 1 0.987 ? ? ?     ? 0.188  ? ? ? ? ? ? ? ? ? 
2.15 2.20  ? ? ? ? ? ? 353  ? ? ? ? ? ? ? ? ? ? ? ? ? ? ? 0.222 0.108 ? 16 1 0.988 ? ? ?     ? 0.194  ? ? ? ? ? ? ? ? ? 
2.11 2.15  ? ? ? ? ? ? 358  ? ? ? ? ? ? ? ? ? ? ? ? ? ? ? 0.266 0.130 ? 17 1 0.964 ? ? ?     ? 0.232  ? ? ? ? ? ? ? ? ? 
2.07 2.11  ? ? ? ? ? ? 331  ? ? ? ? ? ? ? ? ? ? ? ? ? ? ? 0.254 0.124 ? 18 1 0.973 ? ? ?     ? 0.222  ? ? ? ? ? ? ? ? ? 
2.03 2.07  ? ? ? ? ? ? 338  ? ? ? ? ? ? ? ? ? ? ? ? ? ? ? 0.289 0.142 ? 19 1 0.927 ? ? ?     ? 0.251  ? ? ? ? ? ? ? ? ? 
2.00 2.03  ? ? ? ? ? ? 355  ? ? ? ? ? ? ? ? ? ? ? ? ? ? ? 0.289 0.142 ? 20 1 0.962 ? ? ?     ? 0.251  ? ? ? ? ? ? ? ? ? 
2.00 29.42 ? ? ? ? ? ? 6796 ? ? ? ? ? ? ? ? ? ? ? ? ? ? ? 0.132 0.066 ? 21 1 0.996 ? ? ?     ? 0.114  ? ? ? ? ? ? ? ? ? 
# 
_refine.aniso_B[1][1]                            1.01 
_refine.aniso_B[1][2]                            0.03 
_refine.aniso_B[1][3]                            1.08 
_refine.aniso_B[2][2]                            0.48 
_refine.aniso_B[2][3]                            0.03 
_refine.aniso_B[3][3]                            -0.84 
_refine.B_iso_max                                ? 
_refine.B_iso_mean                               28.829 
_refine.B_iso_min                                ? 
_refine.correlation_coeff_Fo_to_Fc               0.946 
_refine.correlation_coeff_Fo_to_Fc_free          0.937 
_refine.details                                  'HYDROGENS HAVE BEEN USED IF PRESENT IN THE INPUT' 
_refine.diff_density_max                         ? 
_refine.diff_density_max_esd                     ? 
_refine.diff_density_min                         ? 
_refine.diff_density_min_esd                     ? 
_refine.diff_density_rms                         ? 
_refine.diff_density_rms_esd                     ? 
_refine.entry_id                                 9DP0 
_refine.pdbx_refine_id                           'X-RAY DIFFRACTION' 
_refine.ls_abs_structure_details                 ? 
_refine.ls_abs_structure_Flack                   ? 
_refine.ls_abs_structure_Flack_esd               ? 
_refine.ls_abs_structure_Rogers                  ? 
_refine.ls_abs_structure_Rogers_esd              ? 
_refine.ls_d_res_high                            2.00 
_refine.ls_d_res_low                             29.42 
_refine.ls_extinction_coef                       ? 
_refine.ls_extinction_coef_esd                   ? 
_refine.ls_extinction_expression                 ? 
_refine.ls_extinction_method                     ? 
_refine.ls_goodness_of_fit_all                   ? 
_refine.ls_goodness_of_fit_all_esd               ? 
_refine.ls_goodness_of_fit_obs                   ? 
_refine.ls_goodness_of_fit_obs_esd               ? 
_refine.ls_hydrogen_treatment                    ? 
_refine.ls_matrix_type                           ? 
_refine.ls_number_constraints                    ? 
_refine.ls_number_parameters                     ? 
_refine.ls_number_reflns_all                     ? 
_refine.ls_number_reflns_obs                     6456 
_refine.ls_number_reflns_R_free                  339 
_refine.ls_number_reflns_R_work                  ? 
_refine.ls_number_restraints                     ? 
_refine.ls_percent_reflns_obs                    90.35 
_refine.ls_percent_reflns_R_free                 5.0 
_refine.ls_R_factor_all                          ? 
_refine.ls_R_factor_obs                          0.24839 
_refine.ls_R_factor_R_free                       0.27188 
_refine.ls_R_factor_R_free_error                 ? 
_refine.ls_R_factor_R_free_error_details         ? 
_refine.ls_R_factor_R_work                       0.24705 
_refine.ls_R_Fsqd_factor_obs                     ? 
_refine.ls_R_I_factor_obs                        ? 
_refine.ls_redundancy_reflns_all                 ? 
_refine.ls_redundancy_reflns_obs                 ? 
_refine.ls_restrained_S_all                      ? 
_refine.ls_restrained_S_obs                      ? 
_refine.ls_shift_over_esd_max                    ? 
_refine.ls_shift_over_esd_mean                   ? 
_refine.ls_structure_factor_coef                 ? 
_refine.ls_weighting_details                     ? 
_refine.ls_weighting_scheme                      ? 
_refine.ls_wR_factor_all                         ? 
_refine.ls_wR_factor_obs                         ? 
_refine.ls_wR_factor_R_free                      ? 
_refine.ls_wR_factor_R_work                      ? 
_refine.occupancy_max                            ? 
_refine.occupancy_min                            ? 
_refine.solvent_model_details                    MASK 
_refine.solvent_model_param_bsol                 ? 
_refine.solvent_model_param_ksol                 ? 
_refine.pdbx_R_complete                          ? 
_refine.ls_R_factor_gt                           ? 
_refine.ls_goodness_of_fit_gt                    ? 
_refine.ls_goodness_of_fit_ref                   ? 
_refine.ls_shift_over_su_max                     ? 
_refine.ls_shift_over_su_max_lt                  ? 
_refine.ls_shift_over_su_mean                    ? 
_refine.ls_shift_over_su_mean_lt                 ? 
_refine.pdbx_ls_sigma_I                          ? 
_refine.pdbx_ls_sigma_F                          ? 
_refine.pdbx_ls_sigma_Fsqd                       ? 
_refine.pdbx_data_cutoff_high_absF               ? 
_refine.pdbx_data_cutoff_high_rms_absF           ? 
_refine.pdbx_data_cutoff_low_absF                ? 
_refine.pdbx_isotropic_thermal_model             ? 
_refine.pdbx_ls_cross_valid_method               THROUGHOUT 
_refine.pdbx_method_to_determine_struct          'MOLECULAR REPLACEMENT' 
_refine.pdbx_starting_model                      ? 
_refine.pdbx_stereochemistry_target_values       'MAXIMUM LIKELIHOOD' 
_refine.pdbx_R_Free_selection_details            RANDOM 
_refine.pdbx_stereochem_target_val_spec_case     ? 
_refine.pdbx_overall_ESU_R                       0.162 
_refine.pdbx_overall_ESU_R_Free                  0.151 
_refine.pdbx_solvent_vdw_probe_radii             1.20 
_refine.pdbx_solvent_ion_probe_radii             0.80 
_refine.pdbx_solvent_shrinkage_radii             0.80 
_refine.pdbx_real_space_R                        ? 
_refine.pdbx_density_correlation                 ? 
_refine.pdbx_pd_number_of_powder_patterns        ? 
_refine.pdbx_pd_number_of_points                 ? 
_refine.pdbx_pd_meas_number_of_points            ? 
_refine.pdbx_pd_proc_ls_prof_R_factor            ? 
_refine.pdbx_pd_proc_ls_prof_wR_factor           ? 
_refine.pdbx_pd_Marquardt_correlation_coeff      ? 
_refine.pdbx_pd_Fsqrd_R_factor                   ? 
_refine.pdbx_pd_ls_matrix_band_width             ? 
_refine.pdbx_overall_phase_error                 ? 
_refine.pdbx_overall_SU_R_free_Cruickshank_DPI   ? 
_refine.pdbx_overall_SU_R_free_Blow_DPI          ? 
_refine.pdbx_overall_SU_R_Blow_DPI               ? 
_refine.pdbx_TLS_residual_ADP_flag               ? 
_refine.pdbx_diffrn_id                           1 
_refine.overall_SU_B                             2.476 
_refine.overall_SU_ML                            0.070 
_refine.overall_SU_R_Cruickshank_DPI             ? 
_refine.overall_SU_R_free                        ? 
_refine.overall_FOM_free_R_set                   ? 
_refine.overall_FOM_work_R_set                   ? 
_refine.pdbx_average_fsc_overall                 ? 
_refine.pdbx_average_fsc_work                    ? 
_refine.pdbx_average_fsc_free                    ? 
# 
_refine_hist.pdbx_refine_id                   'X-RAY DIFFRACTION' 
_refine_hist.cycle_id                         1 
_refine_hist.details                          ? 
_refine_hist.d_res_high                       2.00 
_refine_hist.d_res_low                        29.42 
_refine_hist.number_atoms_solvent             17 
_refine_hist.number_atoms_total               450 
_refine_hist.number_reflns_all                ? 
_refine_hist.number_reflns_obs                ? 
_refine_hist.number_reflns_R_free             ? 
_refine_hist.number_reflns_R_work             ? 
_refine_hist.R_factor_all                     ? 
_refine_hist.R_factor_obs                     ? 
_refine_hist.R_factor_R_free                  ? 
_refine_hist.R_factor_R_work                  ? 
_refine_hist.pdbx_number_residues_total       ? 
_refine_hist.pdbx_B_iso_mean_ligand           ? 
_refine_hist.pdbx_B_iso_mean_solvent          ? 
_refine_hist.pdbx_number_atoms_protein        404 
_refine_hist.pdbx_number_atoms_nucleic_acid   0 
_refine_hist.pdbx_number_atoms_ligand         29 
_refine_hist.pdbx_number_atoms_lipid          ? 
_refine_hist.pdbx_number_atoms_carb           ? 
_refine_hist.pdbx_pseudo_atom_details         ? 
# 
loop_
_refine_ls_restr.pdbx_refine_id 
_refine_ls_restr.criterion 
_refine_ls_restr.dev_ideal 
_refine_ls_restr.dev_ideal_target 
_refine_ls_restr.number 
_refine_ls_restr.rejects 
_refine_ls_restr.type 
_refine_ls_restr.weight 
_refine_ls_restr.pdbx_restraint_function 
'X-RAY DIFFRACTION' ? 0.016  0.013  439  ? r_bond_refined_d             ? ? 
'X-RAY DIFFRACTION' ? 0.006  0.016  532  ? r_bond_other_d               ? ? 
'X-RAY DIFFRACTION' ? 2.391  1.955  595  ? r_angle_refined_deg          ? ? 
'X-RAY DIFFRACTION' ? 1.154  1.787  1248 ? r_angle_other_deg            ? ? 
'X-RAY DIFFRACTION' ? 6.273  5.000  48   ? r_dihedral_angle_1_deg       ? ? 
'X-RAY DIFFRACTION' ? ?      ?      ?    ? r_dihedral_angle_2_deg       ? ? 
'X-RAY DIFFRACTION' ? 17.511 10.000 100  ? r_dihedral_angle_3_deg       ? ? 
'X-RAY DIFFRACTION' ? ?      ?      ?    ? r_dihedral_angle_4_deg       ? ? 
'X-RAY DIFFRACTION' ? 0.135  0.200  81   ? r_chiral_restr               ? ? 
'X-RAY DIFFRACTION' ? 0.012  0.020  384  ? r_gen_planes_refined         ? ? 
'X-RAY DIFFRACTION' ? 0.005  0.020  48   ? r_gen_planes_other           ? ? 
'X-RAY DIFFRACTION' ? ?      ?      ?    ? r_nbd_refined                ? ? 
'X-RAY DIFFRACTION' ? ?      ?      ?    ? r_nbd_other                  ? ? 
'X-RAY DIFFRACTION' ? ?      ?      ?    ? r_nbtor_refined              ? ? 
'X-RAY DIFFRACTION' ? ?      ?      ?    ? r_nbtor_other                ? ? 
'X-RAY DIFFRACTION' ? ?      ?      ?    ? r_xyhbond_nbd_refined        ? ? 
'X-RAY DIFFRACTION' ? ?      ?      ?    ? r_xyhbond_nbd_other          ? ? 
'X-RAY DIFFRACTION' ? ?      ?      ?    ? r_metal_ion_refined          ? ? 
'X-RAY DIFFRACTION' ? ?      ?      ?    ? r_metal_ion_other            ? ? 
'X-RAY DIFFRACTION' ? ?      ?      ?    ? r_symmetry_vdw_refined       ? ? 
'X-RAY DIFFRACTION' ? ?      ?      ?    ? r_symmetry_vdw_other         ? ? 
'X-RAY DIFFRACTION' ? ?      ?      ?    ? r_symmetry_hbond_refined     ? ? 
'X-RAY DIFFRACTION' ? ?      ?      ?    ? r_symmetry_hbond_other       ? ? 
'X-RAY DIFFRACTION' ? ?      ?      ?    ? r_symmetry_metal_ion_refined ? ? 
'X-RAY DIFFRACTION' ? ?      ?      ?    ? r_symmetry_metal_ion_other   ? ? 
'X-RAY DIFFRACTION' ? 2.313  1.618  208  ? r_mcbond_it                  ? ? 
'X-RAY DIFFRACTION' ? 2.320  1.614  207  ? r_mcbond_other               ? ? 
'X-RAY DIFFRACTION' ? 3.310  2.882  256  ? r_mcangle_it                 ? ? 
'X-RAY DIFFRACTION' ? 3.304  2.883  257  ? r_mcangle_other              ? ? 
'X-RAY DIFFRACTION' ? 8.392  3.301  231  ? r_scbond_it                  ? ? 
'X-RAY DIFFRACTION' ? 8.362  3.284  230  ? r_scbond_other               ? ? 
'X-RAY DIFFRACTION' ? ?      ?      ?    ? r_scangle_it                 ? ? 
'X-RAY DIFFRACTION' ? 13.130 5.114  340  ? r_scangle_other              ? ? 
'X-RAY DIFFRACTION' ? 13.599 24.75  1365 ? r_long_range_B_refined       ? ? 
'X-RAY DIFFRACTION' ? 13.594 24.78  1366 ? r_long_range_B_other         ? ? 
'X-RAY DIFFRACTION' ? ?      ?      ?    ? r_rigid_bond_restr           ? ? 
'X-RAY DIFFRACTION' ? ?      ?      ?    ? r_sphericity_free            ? ? 
'X-RAY DIFFRACTION' ? ?      ?      ?    ? r_sphericity_bonded          ? ? 
# 
_refine_ls_shell.pdbx_refine_id                   'X-RAY DIFFRACTION' 
_refine_ls_shell.d_res_high                       2.000 
_refine_ls_shell.d_res_low                        2.052 
_refine_ls_shell.number_reflns_all                ? 
_refine_ls_shell.number_reflns_obs                ? 
_refine_ls_shell.number_reflns_R_free             21 
_refine_ls_shell.number_reflns_R_work             489 
_refine_ls_shell.percent_reflns_obs               92.90 
_refine_ls_shell.percent_reflns_R_free            ? 
_refine_ls_shell.R_factor_all                     ? 
_refine_ls_shell.R_factor_obs                     ? 
_refine_ls_shell.R_factor_R_free_error            ? 
_refine_ls_shell.R_factor_R_work                  0.270 
_refine_ls_shell.redundancy_reflns_all            ? 
_refine_ls_shell.redundancy_reflns_obs            ? 
_refine_ls_shell.wR_factor_all                    ? 
_refine_ls_shell.wR_factor_obs                    ? 
_refine_ls_shell.wR_factor_R_free                 ? 
_refine_ls_shell.wR_factor_R_work                 ? 
_refine_ls_shell.pdbx_R_complete                  ? 
_refine_ls_shell.pdbx_total_number_of_bins_used   20 
_refine_ls_shell.pdbx_phase_error                 ? 
_refine_ls_shell.pdbx_fsc_work                    ? 
_refine_ls_shell.pdbx_fsc_free                    ? 
_refine_ls_shell.R_factor_R_free                  0.423 
# 
_struct.entry_id                     9DP0 
_struct.title                        'Fibrillar assembly of racemic, C-alpha methylated, macrocyclic beta-hairpins' 
_struct.pdbx_model_details           ? 
_struct.pdbx_formula_weight          ? 
_struct.pdbx_formula_weight_method   ? 
_struct.pdbx_model_type_details      ? 
_struct.pdbx_CASP_flag               N 
# 
_struct_keywords.entry_id        9DP0 
_struct_keywords.text            'MAX1, fibril, hydrogel, C-alpha methylated macrocyclic beta-hairpin, PROTEIN FIBRIL' 
_struct_keywords.pdbx_keywords   'PROTEIN FIBRIL' 
# 
loop_
_struct_asym.id 
_struct_asym.pdbx_blank_PDB_chainid_flag 
_struct_asym.pdbx_modified 
_struct_asym.entity_id 
_struct_asym.details 
A N N 1 ? 
B N N 1 ? 
C N N 1 ? 
D N N 1 ? 
E N N 2 ? 
F N N 3 ? 
G N N 4 ? 
H N N 4 ? 
I N N 4 ? 
J N N 4 ? 
# 
_struct_ref.id                         1 
_struct_ref.db_name                    PDB 
_struct_ref.db_code                    9DP0 
_struct_ref.pdbx_db_accession          9DP0 
_struct_ref.pdbx_db_isoform            ? 
_struct_ref.entity_id                  1 
_struct_ref.pdbx_seq_one_letter_code   ? 
_struct_ref.pdbx_align_begin           1 
# 
loop_
_struct_ref_seq.align_id 
_struct_ref_seq.ref_id 
_struct_ref_seq.pdbx_PDB_id_code 
_struct_ref_seq.pdbx_strand_id 
_struct_ref_seq.seq_align_beg 
_struct_ref_seq.pdbx_seq_align_beg_ins_code 
_struct_ref_seq.seq_align_end 
_struct_ref_seq.pdbx_seq_align_end_ins_code 
_struct_ref_seq.pdbx_db_accession 
_struct_ref_seq.db_align_beg 
_struct_ref_seq.pdbx_db_align_beg_ins_code 
_struct_ref_seq.db_align_end 
_struct_ref_seq.pdbx_db_align_end_ins_code 
_struct_ref_seq.pdbx_auth_seq_align_beg 
_struct_ref_seq.pdbx_auth_seq_align_end 
1 1 9DP0 A 1 ? 13 ? 9DP0 13 ? 12 ? 13 12 
2 1 9DP0 B 1 ? 13 ? 9DP0 13 ? 12 ? 13 12 
3 1 9DP0 C 1 ? 13 ? 9DP0 13 ? 12 ? 13 12 
4 1 9DP0 D 1 ? 13 ? 9DP0 13 ? 12 ? 13 12 
# 
_pdbx_struct_assembly.id                   1 
_pdbx_struct_assembly.details              author_and_software_defined_assembly 
_pdbx_struct_assembly.method_details       PISA 
_pdbx_struct_assembly.oligomeric_details   tetrameric 
_pdbx_struct_assembly.oligomeric_count     4 
# 
loop_
_pdbx_struct_assembly_prop.biol_id 
_pdbx_struct_assembly_prop.type 
_pdbx_struct_assembly_prop.value 
_pdbx_struct_assembly_prop.details 
1 'ABSA (A^2)' 2870 ? 
1 MORE         -23  ? 
1 'SSA (A^2)'  3610 ? 
# 
_pdbx_struct_assembly_gen.assembly_id       1 
_pdbx_struct_assembly_gen.oper_expression   1 
_pdbx_struct_assembly_gen.asym_id_list      A,B,C,D,E,F,G,H,I,J 
# 
_pdbx_struct_assembly_auth_evidence.id                     1 
_pdbx_struct_assembly_auth_evidence.assembly_id            1 
_pdbx_struct_assembly_auth_evidence.experimental_support   'electron microscopy' 
_pdbx_struct_assembly_auth_evidence.details                
;TEM experiments of a homologous macrocyclic beta-hairpin peptide without the C-alpha methyl group show evidence of self-assembly and fibrillization, correlating with the deposited X-ray crystallographic structure.
;
# 
_pdbx_struct_oper_list.id                   1 
_pdbx_struct_oper_list.type                 'identity operation' 
_pdbx_struct_oper_list.name                 1_555 
_pdbx_struct_oper_list.symmetry_operation   x,y,z 
_pdbx_struct_oper_list.matrix[1][1]         1.0000000000 
_pdbx_struct_oper_list.matrix[1][2]         0.0000000000 
_pdbx_struct_oper_list.matrix[1][3]         0.0000000000 
_pdbx_struct_oper_list.vector[1]            0.0000000000 
_pdbx_struct_oper_list.matrix[2][1]         0.0000000000 
_pdbx_struct_oper_list.matrix[2][2]         1.0000000000 
_pdbx_struct_oper_list.matrix[2][3]         0.0000000000 
_pdbx_struct_oper_list.vector[2]            0.0000000000 
_pdbx_struct_oper_list.matrix[3][1]         0.0000000000 
_pdbx_struct_oper_list.matrix[3][2]         0.0000000000 
_pdbx_struct_oper_list.matrix[3][3]         1.0000000000 
_pdbx_struct_oper_list.vector[3]            0.0000000000 
# 
loop_
_struct_conn.id 
_struct_conn.conn_type_id 
_struct_conn.pdbx_leaving_atom_flag 
_struct_conn.pdbx_PDB_id 
_struct_conn.ptnr1_label_asym_id 
_struct_conn.ptnr1_label_comp_id 
_struct_conn.ptnr1_label_seq_id 
_struct_conn.ptnr1_label_atom_id 
_struct_conn.pdbx_ptnr1_label_alt_id 
_struct_conn.pdbx_ptnr1_PDB_ins_code 
_struct_conn.pdbx_ptnr1_standard_comp_id 
_struct_conn.ptnr1_symmetry 
_struct_conn.ptnr2_label_asym_id 
_struct_conn.ptnr2_label_comp_id 
_struct_conn.ptnr2_label_seq_id 
_struct_conn.ptnr2_label_atom_id 
_struct_conn.pdbx_ptnr2_label_alt_id 
_struct_conn.pdbx_ptnr2_PDB_ins_code 
_struct_conn.ptnr1_auth_asym_id 
_struct_conn.ptnr1_auth_comp_id 
_struct_conn.ptnr1_auth_seq_id 
_struct_conn.ptnr2_auth_asym_id 
_struct_conn.ptnr2_auth_comp_id 
_struct_conn.ptnr2_auth_seq_id 
_struct_conn.ptnr2_symmetry 
_struct_conn.pdbx_ptnr3_label_atom_id 
_struct_conn.pdbx_ptnr3_label_seq_id 
_struct_conn.pdbx_ptnr3_label_comp_id 
_struct_conn.pdbx_ptnr3_label_asym_id 
_struct_conn.pdbx_ptnr3_label_alt_id 
_struct_conn.pdbx_ptnr3_PDB_ins_code 
_struct_conn.details 
_struct_conn.pdbx_dist_value 
_struct_conn.pdbx_value_order 
_struct_conn.pdbx_role 
covale1  covale both ? A VAL   2  N ? ? ? 1_555 A ORN   1  C  ? ? A VAL   1  A ORN   13 1_555 ? ? ? ? ? ? ? 1.320 ? ? 
covale2  covale both ? A VAL   6  C ? ? ? 1_555 A DPR   7  N  ? ? A VAL   5  A DPR   6  1_555 ? ? ? ? ? ? ? 1.354 ? ? 
covale3  covale both ? A DPR   7  C ? ? ? 1_555 A PRO   8  N  ? ? A DPR   6  A PRO   7  1_555 ? ? ? ? ? ? ? 1.350 ? ? 
covale4  covale one  ? A LYS   10 C ? ? ? 1_555 A A1A8T 11 N  ? ? A LYS   9  A A1A8T 10 1_555 ? ? ? ? ? ? ? 1.323 ? ? 
covale5  covale both ? A A1A8T 11 C ? ? ? 1_555 A LYS   12 N  ? ? A A1A8T 10 A LYS   11 1_555 ? ? ? ? ? ? ? 1.331 ? ? 
covale6  covale both ? A VAL   13 C ? ? ? 1_555 A ORN   1  NE ? ? A VAL   12 A ORN   13 1_555 ? ? ? ? ? ? ? 1.323 ? ? 
covale7  covale both ? B VAL   2  N ? ? ? 1_555 B ORN   1  C  ? ? B VAL   1  B ORN   13 1_555 ? ? ? ? ? ? ? 1.332 ? ? 
covale8  covale both ? B VAL   6  C ? ? ? 1_555 B DPR   7  N  ? ? B VAL   5  B DPR   6  1_555 ? ? ? ? ? ? ? 1.357 ? ? 
covale9  covale both ? B DPR   7  C ? ? ? 1_555 B PRO   8  N  ? ? B DPR   6  B PRO   7  1_555 ? ? ? ? ? ? ? 1.349 ? ? 
covale10 covale one  ? B LYS   10 C ? ? ? 1_555 B A1A8T 11 N  ? ? B LYS   9  B A1A8T 10 1_555 ? ? ? ? ? ? ? 1.337 ? ? 
covale11 covale both ? B A1A8T 11 C ? ? ? 1_555 B LYS   12 N  ? ? B A1A8T 10 B LYS   11 1_555 ? ? ? ? ? ? ? 1.332 ? ? 
covale12 covale both ? B VAL   13 C ? ? ? 1_555 B ORN   1  NE ? ? B VAL   12 B ORN   13 1_555 ? ? ? ? ? ? ? 1.298 ? ? 
covale13 covale both ? C VAL   2  N ? ? ? 1_555 C ORN   1  C  ? ? C VAL   1  C ORN   13 1_555 ? ? ? ? ? ? ? 1.314 ? ? 
covale14 covale both ? C VAL   6  C ? ? ? 1_555 C DPR   7  N  ? ? C VAL   5  C DPR   6  1_555 ? ? ? ? ? ? ? 1.348 ? ? 
covale15 covale both ? C DPR   7  C ? ? ? 1_555 C PRO   8  N  ? ? C DPR   6  C PRO   7  1_555 ? ? ? ? ? ? ? 1.334 ? ? 
covale16 covale one  ? C LYS   10 C ? ? ? 1_555 C A1A8T 11 N  ? ? C LYS   9  C A1A8T 10 1_555 ? ? ? ? ? ? ? 1.342 ? ? 
covale17 covale both ? C A1A8T 11 C ? ? ? 1_555 C LYS   12 N  ? ? C A1A8T 10 C LYS   11 1_555 ? ? ? ? ? ? ? 1.345 ? ? 
covale18 covale both ? C VAL   13 C ? ? ? 1_555 C ORN   1  NE ? ? C VAL   12 C ORN   13 1_555 ? ? ? ? ? ? ? 1.317 ? ? 
covale19 covale both ? D VAL   2  N ? ? ? 1_555 D ORN   1  C  ? ? D VAL   1  D ORN   13 1_555 ? ? ? ? ? ? ? 1.317 ? ? 
covale20 covale both ? D VAL   6  C ? ? ? 1_555 D DPR   7  N  ? ? D VAL   5  D DPR   6  1_555 ? ? ? ? ? ? ? 1.359 ? ? 
covale21 covale both ? D DPR   7  C ? ? ? 1_555 D PRO   8  N  ? ? D DPR   6  D PRO   7  1_555 ? ? ? ? ? ? ? 1.355 ? ? 
covale22 covale one  ? D LYS   10 C ? ? ? 1_555 D A1A8T 11 N  ? ? D LYS   9  D A1A8T 10 1_555 ? ? ? ? ? ? ? 1.324 ? ? 
covale23 covale both ? D A1A8T 11 C ? ? ? 1_555 D LYS   12 N  ? ? D A1A8T 10 D LYS   11 1_555 ? ? ? ? ? ? ? 1.330 ? ? 
covale24 covale both ? D VAL   13 C ? ? ? 1_555 D ORN   1  NE ? ? D VAL   12 D ORN   13 1_555 ? ? ? ? ? ? ? 1.340 ? ? 
# 
_struct_conn_type.id          covale 
_struct_conn_type.criteria    ? 
_struct_conn_type.reference   ? 
# 
loop_
_pdbx_modification_feature.ordinal 
_pdbx_modification_feature.label_comp_id 
_pdbx_modification_feature.label_asym_id 
_pdbx_modification_feature.label_seq_id 
_pdbx_modification_feature.label_alt_id 
_pdbx_modification_feature.modified_residue_label_comp_id 
_pdbx_modification_feature.modified_residue_label_asym_id 
_pdbx_modification_feature.modified_residue_label_seq_id 
_pdbx_modification_feature.modified_residue_label_alt_id 
_pdbx_modification_feature.auth_comp_id 
_pdbx_modification_feature.auth_asym_id 
_pdbx_modification_feature.auth_seq_id 
_pdbx_modification_feature.PDB_ins_code 
_pdbx_modification_feature.symmetry 
_pdbx_modification_feature.modified_residue_auth_comp_id 
_pdbx_modification_feature.modified_residue_auth_asym_id 
_pdbx_modification_feature.modified_residue_auth_seq_id 
_pdbx_modification_feature.modified_residue_PDB_ins_code 
_pdbx_modification_feature.modified_residue_symmetry 
_pdbx_modification_feature.comp_id_linking_atom 
_pdbx_modification_feature.modified_residue_id_linking_atom 
_pdbx_modification_feature.modified_residue_id 
_pdbx_modification_feature.ref_pcm_id 
_pdbx_modification_feature.ref_comp_id 
_pdbx_modification_feature.type 
_pdbx_modification_feature.category 
1  ORN   A 1  ? .   . . . ORN   A 13 ? 1_555 .   . .  . .     . .  ?   1 ORN   Ornithine 'Named protein modification' 
2  ORN   B 1  ? .   . . . ORN   B 13 ? 1_555 .   . .  . .     . .  ?   1 ORN   Ornithine 'Named protein modification' 
3  ORN   C 1  ? .   . . . ORN   C 13 ? 1_555 .   . .  . .     . .  ?   1 ORN   Ornithine 'Named protein modification' 
4  ORN   D 1  ? .   . . . ORN   D 13 ? 1_555 .   . .  . .     . .  ?   1 ORN   Ornithine 'Named protein modification' 
5  A1A8T A 11 ? .   . . . A1A8T A 10 ? 1_555 .   . .  . .     . .  VAL 1 A1A8T None      'Non-standard residue'       
6  A1A8T B 11 ? .   . . . A1A8T B 10 ? 1_555 .   . .  . .     . .  VAL 1 A1A8T None      'Non-standard residue'       
7  A1A8T C 11 ? .   . . . A1A8T C 10 ? 1_555 .   . .  . .     . .  VAL 1 A1A8T None      'Non-standard residue'       
8  A1A8T D 11 ? .   . . . A1A8T D 10 ? 1_555 .   . .  . .     . .  VAL 1 A1A8T None      'Non-standard residue'       
9  VAL   A 13 ? ORN A 1 ? VAL   A 12 ? 1_555 ORN A 13 ? 1_555 C NE .   . .     None      'Non-standard linkage'       
10 VAL   B 13 ? ORN B 1 ? VAL   B 12 ? 1_555 ORN B 13 ? 1_555 C NE .   . .     None      'Non-standard linkage'       
11 VAL   C 13 ? ORN C 1 ? VAL   C 12 ? 1_555 ORN C 13 ? 1_555 C NE .   . .     None      'Non-standard linkage'       
12 VAL   D 13 ? ORN D 1 ? VAL   D 12 ? 1_555 ORN D 13 ? 1_555 C NE .   . .     None      'Non-standard linkage'       
# 
loop_
_struct_sheet.id 
_struct_sheet.type 
_struct_sheet.number_strands 
_struct_sheet.details 
AA1 ? 4 ? 
AA2 ? 4 ? 
# 
loop_
_struct_sheet_order.sheet_id 
_struct_sheet_order.range_id_1 
_struct_sheet_order.range_id_2 
_struct_sheet_order.offset 
_struct_sheet_order.sense 
AA1 1 2 ? anti-parallel 
AA1 2 3 ? anti-parallel 
AA1 3 4 ? anti-parallel 
AA2 1 2 ? anti-parallel 
AA2 2 3 ? anti-parallel 
AA2 3 4 ? anti-parallel 
# 
loop_
_struct_sheet_range.sheet_id 
_struct_sheet_range.id 
_struct_sheet_range.beg_label_comp_id 
_struct_sheet_range.beg_label_asym_id 
_struct_sheet_range.beg_label_seq_id 
_struct_sheet_range.pdbx_beg_PDB_ins_code 
_struct_sheet_range.end_label_comp_id 
_struct_sheet_range.end_label_asym_id 
_struct_sheet_range.end_label_seq_id 
_struct_sheet_range.pdbx_end_PDB_ins_code 
_struct_sheet_range.beg_auth_comp_id 
_struct_sheet_range.beg_auth_asym_id 
_struct_sheet_range.beg_auth_seq_id 
_struct_sheet_range.end_auth_comp_id 
_struct_sheet_range.end_auth_asym_id 
_struct_sheet_range.end_auth_seq_id 
AA1 1 THR A 9 ? VAL A 13 ? THR A 8 VAL A 12 
AA1 2 VAL A 2 ? VAL A 6  ? VAL A 1 VAL A 5  
AA1 3 VAL B 2 ? VAL B 6  ? VAL B 1 VAL B 5  
AA1 4 THR B 9 ? VAL B 13 ? THR B 8 VAL B 12 
AA2 1 THR C 9 ? VAL C 13 ? THR C 8 VAL C 12 
AA2 2 VAL C 2 ? VAL C 6  ? VAL C 1 VAL C 5  
AA2 3 VAL D 2 ? VAL D 6  ? VAL D 1 VAL D 5  
AA2 4 THR D 9 ? VAL D 13 ? THR D 8 VAL D 12 
# 
loop_
_pdbx_struct_sheet_hbond.sheet_id 
_pdbx_struct_sheet_hbond.range_id_1 
_pdbx_struct_sheet_hbond.range_id_2 
_pdbx_struct_sheet_hbond.range_1_label_atom_id 
_pdbx_struct_sheet_hbond.range_1_label_comp_id 
_pdbx_struct_sheet_hbond.range_1_label_asym_id 
_pdbx_struct_sheet_hbond.range_1_label_seq_id 
_pdbx_struct_sheet_hbond.range_1_PDB_ins_code 
_pdbx_struct_sheet_hbond.range_1_auth_atom_id 
_pdbx_struct_sheet_hbond.range_1_auth_comp_id 
_pdbx_struct_sheet_hbond.range_1_auth_asym_id 
_pdbx_struct_sheet_hbond.range_1_auth_seq_id 
_pdbx_struct_sheet_hbond.range_2_label_atom_id 
_pdbx_struct_sheet_hbond.range_2_label_comp_id 
_pdbx_struct_sheet_hbond.range_2_label_asym_id 
_pdbx_struct_sheet_hbond.range_2_label_seq_id 
_pdbx_struct_sheet_hbond.range_2_PDB_ins_code 
_pdbx_struct_sheet_hbond.range_2_auth_atom_id 
_pdbx_struct_sheet_hbond.range_2_auth_comp_id 
_pdbx_struct_sheet_hbond.range_2_auth_asym_id 
_pdbx_struct_sheet_hbond.range_2_auth_seq_id 
AA1 1 2 O VAL A 13 ? O VAL A 12 N VAL   A 2  ? N VAL   A 1  
AA1 2 3 N LYS A 3  ? N LYS A 2  O LYS   B 5  ? O LYS   B 4  
AA1 3 4 N VAL B 6  ? N VAL B 5  O THR   B 9  ? O THR   B 8  
AA2 1 2 O THR C 9  ? O THR C 8  N VAL   C 6  ? N VAL   C 5  
AA2 2 3 N LYS C 5  ? N LYS C 4  O LYS   D 3  ? O LYS   D 2  
AA2 3 4 N VAL D 4  ? N VAL D 3  O A1A8T D 11 ? O A1A8T D 10 
# 
_pdbx_entry_details.entry_id                   9DP0 
_pdbx_entry_details.has_ligand_of_interest     N 
_pdbx_entry_details.compound_details           ? 
_pdbx_entry_details.source_details             ? 
_pdbx_entry_details.nonpolymer_details         ? 
_pdbx_entry_details.sequence_details           ? 
_pdbx_entry_details.has_protein_modification   Y 
# 
loop_
_chem_comp_atom.comp_id 
_chem_comp_atom.atom_id 
_chem_comp_atom.type_symbol 
_chem_comp_atom.pdbx_aromatic_flag 
_chem_comp_atom.pdbx_stereo_config 
_chem_comp_atom.pdbx_ordinal 
1PE   OH2  O N N 1   
1PE   C12  C N N 2   
1PE   C22  C N N 3   
1PE   OH3  O N N 4   
1PE   C13  C N N 5   
1PE   C23  C N N 6   
1PE   OH4  O N N 7   
1PE   C14  C N N 8   
1PE   C24  C N N 9   
1PE   OH5  O N N 10  
1PE   C15  C N N 11  
1PE   C25  C N N 12  
1PE   OH6  O N N 13  
1PE   C16  C N N 14  
1PE   C26  C N N 15  
1PE   OH7  O N N 16  
1PE   HO2  H N N 17  
1PE   H121 H N N 18  
1PE   H122 H N N 19  
1PE   H221 H N N 20  
1PE   H222 H N N 21  
1PE   H131 H N N 22  
1PE   H132 H N N 23  
1PE   H231 H N N 24  
1PE   H232 H N N 25  
1PE   H141 H N N 26  
1PE   H142 H N N 27  
1PE   H241 H N N 28  
1PE   H242 H N N 29  
1PE   H151 H N N 30  
1PE   H152 H N N 31  
1PE   H251 H N N 32  
1PE   H252 H N N 33  
1PE   H161 H N N 34  
1PE   H162 H N N 35  
1PE   H261 H N N 36  
1PE   H262 H N N 37  
1PE   HO7  H N N 38  
A1A8T N    N N N 39  
A1A8T CA   C N S 40  
A1A8T C    C N N 41  
A1A8T O    O N N 42  
A1A8T CB   C N N 43  
A1A8T CG1  C N N 44  
A1A8T CG2  C N N 45  
A1A8T C1   C N N 46  
A1A8T H    H N N 47  
A1A8T H2   H N N 48  
A1A8T HB   H N N 49  
A1A8T HG11 H N N 50  
A1A8T HG12 H N N 51  
A1A8T HG13 H N N 52  
A1A8T HG21 H N N 53  
A1A8T HG22 H N N 54  
A1A8T HG23 H N N 55  
A1A8T H12  H N N 56  
A1A8T H13  H N N 57  
A1A8T H14  H N N 58  
A1A8T OXT  O N N 59  
A1A8T H1   H N N 60  
DPR   N    N N N 61  
DPR   CA   C N R 62  
DPR   CB   C N N 63  
DPR   CG   C N N 64  
DPR   CD   C N N 65  
DPR   C    C N N 66  
DPR   O    O N N 67  
DPR   OXT  O N N 68  
DPR   H    H N N 69  
DPR   HA   H N N 70  
DPR   HB2  H N N 71  
DPR   HB3  H N N 72  
DPR   HG2  H N N 73  
DPR   HG3  H N N 74  
DPR   HD2  H N N 75  
DPR   HD3  H N N 76  
DPR   HXT  H N N 77  
FLC   CAC  C N N 78  
FLC   CA   C N N 79  
FLC   CB   C N N 80  
FLC   CBC  C N N 81  
FLC   CG   C N N 82  
FLC   CGC  C N N 83  
FLC   OA1  O N N 84  
FLC   OA2  O N N 85  
FLC   OB1  O N N 86  
FLC   OB2  O N N 87  
FLC   OG1  O N N 88  
FLC   OG2  O N N 89  
FLC   OHB  O N N 90  
FLC   HA1  H N N 91  
FLC   HA2  H N N 92  
FLC   HG1  H N N 93  
FLC   HG2  H N N 94  
FLC   HOB  H N N 95  
HOH   O    O N N 96  
HOH   H1   H N N 97  
HOH   H2   H N N 98  
LYS   N    N N N 99  
LYS   CA   C N S 100 
LYS   C    C N N 101 
LYS   O    O N N 102 
LYS   CB   C N N 103 
LYS   CG   C N N 104 
LYS   CD   C N N 105 
LYS   CE   C N N 106 
LYS   NZ   N N N 107 
LYS   OXT  O N N 108 
LYS   H    H N N 109 
LYS   H2   H N N 110 
LYS   HA   H N N 111 
LYS   HB2  H N N 112 
LYS   HB3  H N N 113 
LYS   HG2  H N N 114 
LYS   HG3  H N N 115 
LYS   HD2  H N N 116 
LYS   HD3  H N N 117 
LYS   HE2  H N N 118 
LYS   HE3  H N N 119 
LYS   HZ1  H N N 120 
LYS   HZ2  H N N 121 
LYS   HZ3  H N N 122 
LYS   HXT  H N N 123 
ORN   N    N N N 124 
ORN   CA   C N S 125 
ORN   CB   C N N 126 
ORN   CG   C N N 127 
ORN   CD   C N N 128 
ORN   NE   N N N 129 
ORN   C    C N N 130 
ORN   O    O N N 131 
ORN   OXT  O N N 132 
ORN   H    H N N 133 
ORN   H2   H N N 134 
ORN   HA   H N N 135 
ORN   HB2  H N N 136 
ORN   HB3  H N N 137 
ORN   HG2  H N N 138 
ORN   HG3  H N N 139 
ORN   HD2  H N N 140 
ORN   HD3  H N N 141 
ORN   HE1  H N N 142 
ORN   HE2  H N N 143 
ORN   HXT  H N N 144 
PRO   N    N N N 145 
PRO   CA   C N S 146 
PRO   C    C N N 147 
PRO   O    O N N 148 
PRO   CB   C N N 149 
PRO   CG   C N N 150 
PRO   CD   C N N 151 
PRO   OXT  O N N 152 
PRO   H    H N N 153 
PRO   HA   H N N 154 
PRO   HB2  H N N 155 
PRO   HB3  H N N 156 
PRO   HG2  H N N 157 
PRO   HG3  H N N 158 
PRO   HD2  H N N 159 
PRO   HD3  H N N 160 
PRO   HXT  H N N 161 
THR   N    N N N 162 
THR   CA   C N S 163 
THR   C    C N N 164 
THR   O    O N N 165 
THR   CB   C N R 166 
THR   OG1  O N N 167 
THR   CG2  C N N 168 
THR   OXT  O N N 169 
THR   H    H N N 170 
THR   H2   H N N 171 
THR   HA   H N N 172 
THR   HB   H N N 173 
THR   HG1  H N N 174 
THR   HG21 H N N 175 
THR   HG22 H N N 176 
THR   HG23 H N N 177 
THR   HXT  H N N 178 
VAL   N    N N N 179 
VAL   CA   C N S 180 
VAL   C    C N N 181 
VAL   O    O N N 182 
VAL   CB   C N N 183 
VAL   CG1  C N N 184 
VAL   CG2  C N N 185 
VAL   OXT  O N N 186 
VAL   H    H N N 187 
VAL   H2   H N N 188 
VAL   HA   H N N 189 
VAL   HB   H N N 190 
VAL   HG11 H N N 191 
VAL   HG12 H N N 192 
VAL   HG13 H N N 193 
VAL   HG21 H N N 194 
VAL   HG22 H N N 195 
VAL   HG23 H N N 196 
VAL   HXT  H N N 197 
# 
loop_
_chem_comp_bond.comp_id 
_chem_comp_bond.atom_id_1 
_chem_comp_bond.atom_id_2 
_chem_comp_bond.value_order 
_chem_comp_bond.pdbx_aromatic_flag 
_chem_comp_bond.pdbx_stereo_config 
_chem_comp_bond.pdbx_ordinal 
1PE   OH2 C12  sing N N 1   
1PE   OH2 HO2  sing N N 2   
1PE   C12 C22  sing N N 3   
1PE   C12 H121 sing N N 4   
1PE   C12 H122 sing N N 5   
1PE   C22 OH3  sing N N 6   
1PE   C22 H221 sing N N 7   
1PE   C22 H222 sing N N 8   
1PE   OH3 C23  sing N N 9   
1PE   C13 C23  sing N N 10  
1PE   C13 OH4  sing N N 11  
1PE   C13 H131 sing N N 12  
1PE   C13 H132 sing N N 13  
1PE   C23 H231 sing N N 14  
1PE   C23 H232 sing N N 15  
1PE   OH4 C24  sing N N 16  
1PE   C14 C24  sing N N 17  
1PE   C14 OH5  sing N N 18  
1PE   C14 H141 sing N N 19  
1PE   C14 H142 sing N N 20  
1PE   C24 H241 sing N N 21  
1PE   C24 H242 sing N N 22  
1PE   OH5 C25  sing N N 23  
1PE   C15 C25  sing N N 24  
1PE   C15 OH6  sing N N 25  
1PE   C15 H151 sing N N 26  
1PE   C15 H152 sing N N 27  
1PE   C25 H251 sing N N 28  
1PE   C25 H252 sing N N 29  
1PE   OH6 C26  sing N N 30  
1PE   C16 C26  sing N N 31  
1PE   C16 OH7  sing N N 32  
1PE   C16 H161 sing N N 33  
1PE   C16 H162 sing N N 34  
1PE   C26 H261 sing N N 35  
1PE   C26 H262 sing N N 36  
1PE   OH7 HO7  sing N N 37  
A1A8T C1  CA   sing N N 38  
A1A8T CG2 CB   sing N N 39  
A1A8T CG1 CB   sing N N 40  
A1A8T CB  CA   sing N N 41  
A1A8T CA  C    sing N N 42  
A1A8T CA  N    sing N N 43  
A1A8T C   O    doub N N 44  
A1A8T N   H    sing N N 45  
A1A8T N   H2   sing N N 46  
A1A8T CB  HB   sing N N 47  
A1A8T CG1 HG11 sing N N 48  
A1A8T CG1 HG12 sing N N 49  
A1A8T CG1 HG13 sing N N 50  
A1A8T CG2 HG21 sing N N 51  
A1A8T CG2 HG22 sing N N 52  
A1A8T CG2 HG23 sing N N 53  
A1A8T C1  H12  sing N N 54  
A1A8T C1  H13  sing N N 55  
A1A8T C1  H14  sing N N 56  
A1A8T C   OXT  sing N N 57  
A1A8T OXT H1   sing N N 58  
DPR   N   CA   sing N N 59  
DPR   N   CD   sing N N 60  
DPR   N   H    sing N N 61  
DPR   CA  CB   sing N N 62  
DPR   CA  C    sing N N 63  
DPR   CA  HA   sing N N 64  
DPR   CB  CG   sing N N 65  
DPR   CB  HB2  sing N N 66  
DPR   CB  HB3  sing N N 67  
DPR   CG  CD   sing N N 68  
DPR   CG  HG2  sing N N 69  
DPR   CG  HG3  sing N N 70  
DPR   CD  HD2  sing N N 71  
DPR   CD  HD3  sing N N 72  
DPR   C   O    doub N N 73  
DPR   C   OXT  sing N N 74  
DPR   OXT HXT  sing N N 75  
FLC   CAC CA   sing N N 76  
FLC   CAC OA1  doub N N 77  
FLC   CAC OA2  sing N N 78  
FLC   CA  CB   sing N N 79  
FLC   CA  HA1  sing N N 80  
FLC   CA  HA2  sing N N 81  
FLC   CB  CBC  sing N N 82  
FLC   CB  CG   sing N N 83  
FLC   CB  OHB  sing N N 84  
FLC   CBC OB1  doub N N 85  
FLC   CBC OB2  sing N N 86  
FLC   CG  CGC  sing N N 87  
FLC   CG  HG1  sing N N 88  
FLC   CG  HG2  sing N N 89  
FLC   CGC OG1  doub N N 90  
FLC   CGC OG2  sing N N 91  
FLC   OHB HOB  sing N N 92  
HOH   O   H1   sing N N 93  
HOH   O   H2   sing N N 94  
LYS   N   CA   sing N N 95  
LYS   N   H    sing N N 96  
LYS   N   H2   sing N N 97  
LYS   CA  C    sing N N 98  
LYS   CA  CB   sing N N 99  
LYS   CA  HA   sing N N 100 
LYS   C   O    doub N N 101 
LYS   C   OXT  sing N N 102 
LYS   CB  CG   sing N N 103 
LYS   CB  HB2  sing N N 104 
LYS   CB  HB3  sing N N 105 
LYS   CG  CD   sing N N 106 
LYS   CG  HG2  sing N N 107 
LYS   CG  HG3  sing N N 108 
LYS   CD  CE   sing N N 109 
LYS   CD  HD2  sing N N 110 
LYS   CD  HD3  sing N N 111 
LYS   CE  NZ   sing N N 112 
LYS   CE  HE2  sing N N 113 
LYS   CE  HE3  sing N N 114 
LYS   NZ  HZ1  sing N N 115 
LYS   NZ  HZ2  sing N N 116 
LYS   NZ  HZ3  sing N N 117 
LYS   OXT HXT  sing N N 118 
ORN   N   CA   sing N N 119 
ORN   N   H    sing N N 120 
ORN   N   H2   sing N N 121 
ORN   CA  CB   sing N N 122 
ORN   CA  C    sing N N 123 
ORN   CA  HA   sing N N 124 
ORN   CB  CG   sing N N 125 
ORN   CB  HB2  sing N N 126 
ORN   CB  HB3  sing N N 127 
ORN   CG  CD   sing N N 128 
ORN   CG  HG2  sing N N 129 
ORN   CG  HG3  sing N N 130 
ORN   CD  NE   sing N N 131 
ORN   CD  HD2  sing N N 132 
ORN   CD  HD3  sing N N 133 
ORN   NE  HE1  sing N N 134 
ORN   NE  HE2  sing N N 135 
ORN   C   O    doub N N 136 
ORN   C   OXT  sing N N 137 
ORN   OXT HXT  sing N N 138 
PRO   N   CA   sing N N 139 
PRO   N   CD   sing N N 140 
PRO   N   H    sing N N 141 
PRO   CA  C    sing N N 142 
PRO   CA  CB   sing N N 143 
PRO   CA  HA   sing N N 144 
PRO   C   O    doub N N 145 
PRO   C   OXT  sing N N 146 
PRO   CB  CG   sing N N 147 
PRO   CB  HB2  sing N N 148 
PRO   CB  HB3  sing N N 149 
PRO   CG  CD   sing N N 150 
PRO   CG  HG2  sing N N 151 
PRO   CG  HG3  sing N N 152 
PRO   CD  HD2  sing N N 153 
PRO   CD  HD3  sing N N 154 
PRO   OXT HXT  sing N N 155 
THR   N   CA   sing N N 156 
THR   N   H    sing N N 157 
THR   N   H2   sing N N 158 
THR   CA  C    sing N N 159 
THR   CA  CB   sing N N 160 
THR   CA  HA   sing N N 161 
THR   C   O    doub N N 162 
THR   C   OXT  sing N N 163 
THR   CB  OG1  sing N N 164 
THR   CB  CG2  sing N N 165 
THR   CB  HB   sing N N 166 
THR   OG1 HG1  sing N N 167 
THR   CG2 HG21 sing N N 168 
THR   CG2 HG22 sing N N 169 
THR   CG2 HG23 sing N N 170 
THR   OXT HXT  sing N N 171 
VAL   N   CA   sing N N 172 
VAL   N   H    sing N N 173 
VAL   N   H2   sing N N 174 
VAL   CA  C    sing N N 175 
VAL   CA  CB   sing N N 176 
VAL   CA  HA   sing N N 177 
VAL   C   O    doub N N 178 
VAL   C   OXT  sing N N 179 
VAL   CB  CG1  sing N N 180 
VAL   CB  CG2  sing N N 181 
VAL   CB  HB   sing N N 182 
VAL   CG1 HG11 sing N N 183 
VAL   CG1 HG12 sing N N 184 
VAL   CG1 HG13 sing N N 185 
VAL   CG2 HG21 sing N N 186 
VAL   CG2 HG22 sing N N 187 
VAL   CG2 HG23 sing N N 188 
VAL   OXT HXT  sing N N 189 
# 
_pdbx_audit_support.funding_organization   'National Institutes of Health/National Cancer Institute (NIH/NCI)' 
_pdbx_audit_support.country                'United States' 
_pdbx_audit_support.grant_number           1ZIABC011313-14 
_pdbx_audit_support.ordinal                1 
# 
_pdbx_initial_refinement_model.id               1 
_pdbx_initial_refinement_model.entity_id_list   ? 
_pdbx_initial_refinement_model.type             'experimental model' 
_pdbx_initial_refinement_model.source_name      Other 
_pdbx_initial_refinement_model.accession_code   ? 
_pdbx_initial_refinement_model.details          D_1000285811 
# 
_atom_sites.entry_id                    9DP0 
_atom_sites.Cartn_transf_matrix[1][1]   ? 
_atom_sites.Cartn_transf_matrix[1][2]   ? 
_atom_sites.Cartn_transf_matrix[1][3]   ? 
_atom_sites.Cartn_transf_matrix[2][1]   ? 
_atom_sites.Cartn_transf_matrix[2][2]   ? 
_atom_sites.Cartn_transf_matrix[2][3]   ? 
_atom_sites.Cartn_transf_matrix[3][1]   ? 
_atom_sites.Cartn_transf_matrix[3][2]   ? 
_atom_sites.Cartn_transf_matrix[3][3]   ? 
_atom_sites.Cartn_transf_vector[1]      ? 
_atom_sites.Cartn_transf_vector[2]      ? 
_atom_sites.Cartn_transf_vector[3]      ? 
_atom_sites.Cartn_transform_axes        ? 
_atom_sites.fract_transf_matrix[1][1]   -0.01817308 
_atom_sites.fract_transf_matrix[1][2]   -0.03475907 
_atom_sites.fract_transf_matrix[1][3]   0.00939557 
_atom_sites.fract_transf_matrix[2][1]   0.00641449 
_atom_sites.fract_transf_matrix[2][2]   0.01876237 
_atom_sites.fract_transf_matrix[2][3]   0.02760370 
_atom_sites.fract_transf_matrix[3][1]   -0.02118507 
_atom_sites.fract_transf_matrix[3][2]   0.01683881 
_atom_sites.fract_transf_matrix[3][3]   -0.01086330 
_atom_sites.fract_transf_vector[1]      0.162883 
_atom_sites.fract_transf_vector[2]      0.169739 
_atom_sites.fract_transf_vector[3]      0.227012 
_atom_sites.solution_primary            ? 
_atom_sites.solution_secondary          ? 
_atom_sites.solution_hydrogens          ? 
_atom_sites.special_details             ? 
# 
loop_
_atom_type.symbol 
C 
N 
O 
# 
loop_
_atom_site.group_PDB 
_atom_site.id 
_atom_site.type_symbol 
_atom_site.label_atom_id 
_atom_site.label_alt_id 
_atom_site.label_comp_id 
_atom_site.label_asym_id 
_atom_site.label_entity_id 
_atom_site.label_seq_id 
_atom_site.pdbx_PDB_ins_code 
_atom_site.Cartn_x 
_atom_site.Cartn_y 
_atom_site.Cartn_z 
_atom_site.occupancy 
_atom_site.B_iso_or_equiv 
_atom_site.pdbx_formal_charge 
_atom_site.auth_seq_id 
_atom_site.auth_comp_id 
_atom_site.auth_asym_id 
_atom_site.auth_atom_id 
_atom_site.pdbx_PDB_model_num 
HETATM 1   N N   . ORN   A 1 1  ? -0.403  1.448   12.163  1.00 25.66 ? 13  ORN   A N   1 
HETATM 2   C CA  . ORN   A 1 1  ? 0.341   0.746   11.093  1.00 22.64 ? 13  ORN   A CA  1 
HETATM 3   C CB  . ORN   A 1 1  ? 0.503   -0.730  11.396  1.00 18.83 ? 13  ORN   A CB  1 
HETATM 4   C CG  . ORN   A 1 1  ? 1.565   -1.005  12.451  1.00 20.71 ? 13  ORN   A CG  1 
HETATM 5   C CD  . ORN   A 1 1  ? 2.989   -0.696  12.012  1.00 20.74 ? 13  ORN   A CD  1 
HETATM 6   N NE  . ORN   A 1 1  ? 3.414   -1.511  10.889  1.00 17.80 ? 13  ORN   A NE  1 
HETATM 7   C C   . ORN   A 1 1  ? -0.401  0.960   9.784   1.00 20.26 ? 13  ORN   A C   1 
HETATM 8   O O   . ORN   A 1 1  ? -1.617  1.164   9.737   1.00 20.64 ? 13  ORN   A O   1 
ATOM   9   N N   . VAL   A 1 2  ? 0.377   0.896   8.719   1.00 16.73 ? 1   VAL   A N   1 
ATOM   10  C CA  . VAL   A 1 2  ? -0.139  0.891   7.369   1.00 14.29 ? 1   VAL   A CA  1 
ATOM   11  C C   . VAL   A 1 2  ? -0.611  -0.534  7.080   1.00 14.68 ? 1   VAL   A C   1 
ATOM   12  O O   . VAL   A 1 2  ? 0.129   -1.470  7.332   1.00 13.47 ? 1   VAL   A O   1 
ATOM   13  C CB  . VAL   A 1 2  ? 0.946   1.394   6.403   1.00 13.89 ? 1   VAL   A CB  1 
ATOM   14  C CG1 . VAL   A 1 2  ? 0.472   1.211   4.959   1.00 13.23 ? 1   VAL   A CG1 1 
ATOM   15  C CG2 . VAL   A 1 2  ? 1.240   2.855   6.725   1.00 13.83 ? 1   VAL   A CG2 1 
ATOM   16  N N   . LYS   A 1 3  ? -1.804  -0.694  6.514   1.00 14.01 ? 2   LYS   A N   1 
ATOM   17  C CA  . LYS   A 1 3  ? -2.332  -2.013  6.192   1.00 17.98 ? 2   LYS   A CA  1 
ATOM   18  C C   . LYS   A 1 3  ? -2.441  -2.090  4.680   1.00 15.27 ? 2   LYS   A C   1 
ATOM   19  O O   . LYS   A 1 3  ? -2.982  -1.158  4.068   1.00 15.16 ? 2   LYS   A O   1 
ATOM   20  C CB  . LYS   A 1 3  ? -3.688  -2.190  6.900   1.00 22.67 ? 2   LYS   A CB  1 
ATOM   21  C CG  . LYS   A 1 3  ? -3.610  -2.415  8.382   1.00 37.76 ? 2   LYS   A CG  1 
ATOM   22  C CD  . LYS   A 1 3  ? -4.858  -2.006  9.180   1.00 53.36 ? 2   LYS   A CD  1 
ATOM   23  C CE  . LYS   A 1 3  ? -4.784  -0.583  9.748   1.00 72.54 ? 2   LYS   A CE  1 
ATOM   24  N NZ  . LYS   A 1 3  ? -4.101  -0.491  11.051  1.00 74.89 ? 2   LYS   A NZ  1 
ATOM   25  N N   . VAL   A 1 4  ? -1.960  -3.237  4.125   1.00 12.30 ? 3   VAL   A N   1 
ATOM   26  C CA  . VAL   A 1 4  ? -1.941  -3.499  2.709   1.00 12.35 ? 3   VAL   A CA  1 
ATOM   27  C C   . VAL   A 1 4  ? -2.774  -4.755  2.472   1.00 13.81 ? 3   VAL   A C   1 
ATOM   28  O O   . VAL   A 1 4  ? -2.542  -5.754  3.145   1.00 14.42 ? 3   VAL   A O   1 
ATOM   29  C CB  . VAL   A 1 4  ? -0.505  -3.661  2.194   1.00 14.26 ? 3   VAL   A CB  1 
ATOM   30  C CG1 . VAL   A 1 4  ? -0.482  -3.907  0.692   1.00 15.11 ? 3   VAL   A CG1 1 
ATOM   31  C CG2 . VAL   A 1 4  ? 0.342   -2.418  2.581   1.00 15.73 ? 3   VAL   A CG2 1 
ATOM   32  N N   . LYS   A 1 5  ? -3.728  -4.662  1.547   1.00 11.84 ? 4   LYS   A N   1 
ATOM   33  C CA  . LYS   A 1 5  ? -4.527  -5.803  1.116   1.00 14.83 ? 4   LYS   A CA  1 
ATOM   34  C C   . LYS   A 1 5  ? -4.437  -5.871  -0.398  1.00 12.36 ? 4   LYS   A C   1 
ATOM   35  O O   . LYS   A 1 5  ? -4.861  -4.934  -1.059  1.00 11.63 ? 4   LYS   A O   1 
ATOM   36  C CB  . LYS   A 1 5  ? -5.933  -5.688  1.685   1.00 18.87 ? 4   LYS   A CB  1 
ATOM   37  C CG  . LYS   A 1 5  ? -6.756  -6.916  1.434   1.00 29.44 ? 4   LYS   A CG  1 
ATOM   38  C CD  . LYS   A 1 5  ? -8.171  -6.811  2.024   1.00 42.86 ? 4   LYS   A CD  1 
ATOM   39  C CE  . LYS   A 1 5  ? -9.327  -7.028  1.026   1.00 61.72 ? 4   LYS   A CE  1 
ATOM   40  N NZ  . LYS   A 1 5  ? -9.252  -8.216  0.145   1.00 71.08 ? 4   LYS   A NZ  1 
ATOM   41  N N   . VAL   A 1 6  ? -3.949  -7.006  -0.903  1.00 11.48 ? 5   VAL   A N   1 
ATOM   42  C CA  . VAL   A 1 6  ? -3.787  -7.288  -2.323  1.00 14.91 ? 5   VAL   A CA  1 
ATOM   43  C C   . VAL   A 1 6  ? -4.520  -8.588  -2.585  1.00 17.04 ? 5   VAL   A C   1 
ATOM   44  O O   . VAL   A 1 6  ? -3.912  -9.644  -2.443  1.00 16.03 ? 5   VAL   A O   1 
ATOM   45  C CB  . VAL   A 1 6  ? -2.327  -7.312  -2.806  1.00 15.62 ? 5   VAL   A CB  1 
ATOM   46  C CG1 . VAL   A 1 6  ? -2.276  -7.551  -4.321  1.00 20.49 ? 5   VAL   A CG1 1 
ATOM   47  C CG2 . VAL   A 1 6  ? -1.640  -5.998  -2.480  1.00 18.13 ? 5   VAL   A CG2 1 
HETATM 48  N N   . DPR   A 1 7  ? -5.842  -8.547  -2.872  1.00 21.68 ? 6   DPR   A N   1 
HETATM 49  C CA  . DPR   A 1 7  ? -6.658  -9.766  -2.922  1.00 22.91 ? 6   DPR   A CA  1 
HETATM 50  C CB  . DPR   A 1 7  ? -8.108  -9.339  -3.152  1.00 26.35 ? 6   DPR   A CB  1 
HETATM 51  C CG  . DPR   A 1 7  ? -8.114  -7.817  -3.111  1.00 27.17 ? 6   DPR   A CG  1 
HETATM 52  C CD  . DPR   A 1 7  ? -6.688  -7.337  -2.944  1.00 22.25 ? 6   DPR   A CD  1 
HETATM 53  C C   . DPR   A 1 7  ? -6.619  -10.523 -1.597  1.00 18.56 ? 6   DPR   A C   1 
HETATM 54  O O   . DPR   A 1 7  ? -6.780  -9.922  -0.548  1.00 18.69 ? 6   DPR   A O   1 
ATOM   55  N N   . PRO   A 1 8  ? -6.270  -11.827 -1.590  1.00 15.93 ? 7   PRO   A N   1 
ATOM   56  C CA  . PRO   A 1 8  ? -6.161  -12.572 -0.327  1.00 17.80 ? 7   PRO   A CA  1 
ATOM   57  C C   . PRO   A 1 8  ? -4.852  -12.357 0.437   1.00 16.06 ? 7   PRO   A C   1 
ATOM   58  O O   . PRO   A 1 8  ? -4.619  -13.052 1.423   1.00 16.76 ? 7   PRO   A O   1 
ATOM   59  C CB  . PRO   A 1 8  ? -6.309  -14.038 -0.881  1.00 17.68 ? 7   PRO   A CB  1 
ATOM   60  C CG  . PRO   A 1 8  ? -5.557  -13.990 -2.200  1.00 16.15 ? 7   PRO   A CG  1 
ATOM   61  C CD  . PRO   A 1 8  ? -5.920  -12.628 -2.770  1.00 16.60 ? 7   PRO   A CD  1 
ATOM   62  N N   . THR   A 1 9  ? -3.903  -11.526 -0.075  1.00 14.23 ? 8   THR   A N   1 
ATOM   63  C CA  . THR   A 1 9  ? -2.654  -11.261 0.612   1.00 15.39 ? 8   THR   A CA  1 
ATOM   64  C C   . THR   A 1 9  ? -2.849  -10.001 1.461   1.00 16.94 ? 8   THR   A C   1 
ATOM   65  O O   . THR   A 1 9  ? -3.259  -8.964  0.962   1.00 14.74 ? 8   THR   A O   1 
ATOM   66  C CB  . THR   A 1 9  ? -1.480  -11.112 -0.346  1.00 17.32 ? 8   THR   A CB  1 
ATOM   67  O OG1 . THR   A 1 9  ? -1.409  -12.352 -1.036  1.00 18.69 ? 8   THR   A OG1 1 
ATOM   68  C CG2 . THR   A 1 9  ? -0.138  -10.969 0.360   1.00 20.69 ? 8   THR   A CG2 1 
ATOM   69  N N   . LYS   A 1 10 ? -2.483  -10.077 2.735   1.00 14.43 ? 9   LYS   A N   1 
ATOM   70  C CA  . LYS   A 1 10 ? -2.563  -8.936  3.617   1.00 18.90 ? 9   LYS   A CA  1 
ATOM   71  C C   . LYS   A 1 10 ? -1.292  -8.891  4.445   1.00 18.53 ? 9   LYS   A C   1 
ATOM   72  O O   . LYS   A 1 10 ? -0.801  -9.937  4.819   1.00 16.52 ? 9   LYS   A O   1 
ATOM   73  C CB  . LYS   A 1 10 ? -3.841  -8.970  4.444   1.00 27.54 ? 9   LYS   A CB  1 
ATOM   74  C CG  . LYS   A 1 10 ? -4.005  -10.058 5.472   1.00 40.64 ? 9   LYS   A CG  1 
ATOM   75  C CD  . LYS   A 1 10 ? -5.237  -9.789  6.344   1.00 60.87 ? 9   LYS   A CD  1 
ATOM   76  C CE  . LYS   A 1 10 ? -6.596  -10.004 5.705   1.00 73.02 ? 9   LYS   A CE  1 
ATOM   77  N NZ  . LYS   A 1 10 ? -7.678  -10.041 6.706   1.00 79.31 ? 9   LYS   A NZ  1 
HETATM 78  N N   . A1A8T A 1 11 ? -0.847  -7.698  4.802   1.00 17.00 ? 10  A1A8T A N   1 
HETATM 79  C CA  . A1A8T A 1 11 ? 0.459   -7.347  5.385   1.00 21.07 ? 10  A1A8T A CA  1 
HETATM 80  C C   . A1A8T A 1 11 ? 0.163   -6.031  6.133   1.00 17.99 ? 10  A1A8T A C   1 
HETATM 81  O O   . A1A8T A 1 11 ? -0.654  -5.237  5.692   1.00 13.95 ? 10  A1A8T A O   1 
HETATM 82  C CB  . A1A8T A 1 11 ? 1.469   -7.070  4.211   1.00 29.70 ? 10  A1A8T A CB  1 
HETATM 83  C CG1 . A1A8T A 1 11 ? 2.537   -6.000  4.461   1.00 33.26 ? 10  A1A8T A CG1 1 
HETATM 84  C CG2 . A1A8T A 1 11 ? 2.171   -8.279  3.646   1.00 43.65 ? 10  A1A8T A CG2 1 
HETATM 85  C C1  . A1A8T A 1 11 ? 0.898   -8.409  6.500   1.00 23.51 ? 10  A1A8T A C1  1 
ATOM   86  N N   . LYS   A 1 12 ? 0.827   -5.765  7.255   1.00 17.11 ? 11  LYS   A N   1 
ATOM   87  C CA  . LYS   A 1 12 ? 0.728   -4.558  8.042   1.00 23.11 ? 11  LYS   A CA  1 
ATOM   88  C C   . LYS   A 1 12 ? 2.173   -4.093  8.248   1.00 21.82 ? 11  LYS   A C   1 
ATOM   89  O O   . LYS   A 1 12 ? 3.029   -4.942  8.500   1.00 19.85 ? 11  LYS   A O   1 
ATOM   90  C CB  . LYS   A 1 12 ? 0.184   -4.937  9.423   1.00 31.42 ? 11  LYS   A CB  1 
ATOM   91  C CG  . LYS   A 1 12 ? -1.169  -4.437  9.744   1.00 48.95 ? 11  LYS   A CG  1 
ATOM   92  C CD  . LYS   A 1 12 ? -1.626  -4.750  11.172  1.00 58.84 ? 11  LYS   A CD  1 
ATOM   93  C CE  . LYS   A 1 12 ? -0.591  -4.594  12.279  1.00 68.10 ? 11  LYS   A CE  1 
ATOM   94  N NZ  . LYS   A 1 12 ? -1.207  -4.569  13.605  1.00 75.73 ? 11  LYS   A NZ  1 
ATOM   95  N N   . VAL   A 1 13 ? 2.433   -2.791  8.153   1.00 19.04 ? 12  VAL   A N   1 
ATOM   96  C CA  . VAL   A 1 13 ? 3.710   -2.239  8.591   1.00 17.86 ? 12  VAL   A CA  1 
ATOM   97  C C   . VAL   A 1 13 ? 3.354   -1.151  9.618   1.00 15.69 ? 12  VAL   A C   1 
ATOM   98  O O   . VAL   A 1 13 ? 2.957   -0.016  9.196   1.00 11.64 ? 12  VAL   A O   1 
ATOM   99  C CB  . VAL   A 1 13 ? 4.549   -1.662  7.431   1.00 20.27 ? 12  VAL   A CB  1 
ATOM   100 C CG1 . VAL   A 1 13 ? 5.940   -1.309  7.922   1.00 18.78 ? 12  VAL   A CG1 1 
ATOM   101 C CG2 . VAL   A 1 13 ? 4.610   -2.573  6.202   1.00 22.53 ? 12  VAL   A CG2 1 
HETATM 102 N N   . ORN   B 1 1  ? -10.018 -4.827  -5.617  1.00 23.01 ? 13  ORN   B N   1 
HETATM 103 C CA  . ORN   B 1 1  ? -9.037  -3.722  -5.684  1.00 17.87 ? 13  ORN   B CA  1 
HETATM 104 C CB  . ORN   B 1 1  ? -9.753  -2.387  -5.455  1.00 17.41 ? 13  ORN   B CB  1 
HETATM 105 C CG  . ORN   B 1 1  ? -10.500 -1.906  -6.690  1.00 17.70 ? 13  ORN   B CG  1 
HETATM 106 C CD  . ORN   B 1 1  ? -9.628  -1.562  -7.887  1.00 18.74 ? 13  ORN   B CD  1 
HETATM 107 N NE  . ORN   B 1 1  ? -8.719  -0.445  -7.613  1.00 15.74 ? 13  ORN   B NE  1 
HETATM 108 C C   . ORN   B 1 1  ? -7.980  -3.973  -4.622  1.00 16.30 ? 13  ORN   B C   1 
HETATM 109 O O   . ORN   B 1 1  ? -8.309  -4.512  -3.560  1.00 15.35 ? 13  ORN   B O   1 
ATOM   110 N N   . VAL   B 1 2  ? -6.807  -3.387  -4.856  1.00 12.98 ? 1   VAL   B N   1 
ATOM   111 C CA  . VAL   B 1 2  ? -5.814  -3.180  -3.830  1.00 12.20 ? 1   VAL   B CA  1 
ATOM   112 C C   . VAL   B 1 2  ? -6.292  -2.114  -2.838  1.00 12.02 ? 1   VAL   B C   1 
ATOM   113 O O   . VAL   B 1 2  ? -6.832  -1.078  -3.262  1.00 10.49 ? 1   VAL   B O   1 
ATOM   114 C CB  . VAL   B 1 2  ? -4.486  -2.765  -4.491  1.00 13.71 ? 1   VAL   B CB  1 
ATOM   115 C CG1 . VAL   B 1 2  ? -3.450  -2.423  -3.430  1.00 16.04 ? 1   VAL   B CG1 1 
ATOM   116 C CG2 . VAL   B 1 2  ? -3.954  -3.904  -5.343  1.00 15.31 ? 1   VAL   B CG2 1 
ATOM   117 N N   . LYS   B 1 3  ? -6.059  -2.342  -1.551  1.00 10.78 ? 2   LYS   B N   1 
ATOM   118 C CA  . LYS   B 1 3  ? -6.420  -1.368  -0.548  1.00 14.18 ? 2   LYS   B CA  1 
ATOM   119 C C   . LYS   B 1 3  ? -5.219  -1.114  0.326   1.00 13.06 ? 2   LYS   B C   1 
ATOM   120 O O   . LYS   B 1 3  ? -4.612  -2.064  0.813   1.00 13.07 ? 2   LYS   B O   1 
ATOM   121 C CB  . LYS   B 1 3  ? -7.605  -1.875  0.303   1.00 20.32 ? 2   LYS   B CB  1 
ATOM   122 C CG  . LYS   B 1 3  ? -8.889  -2.003  -0.549  1.00 33.58 ? 2   LYS   B CG  1 
ATOM   123 C CD  . LYS   B 1 3  ? -10.064 -2.695  0.154   1.00 54.44 ? 2   LYS   B CD  1 
ATOM   124 C CE  . LYS   B 1 3  ? -10.437 -1.998  1.464   1.00 74.73 ? 2   LYS   B CE  1 
ATOM   125 N NZ  . LYS   B 1 3  ? -11.779 -2.241  2.025   1.00 89.58 ? 2   LYS   B NZ  1 
ATOM   126 N N   . VAL   B 1 4  ? -4.878  0.161   0.524   1.00 11.25 ? 3   VAL   B N   1 
ATOM   127 C CA  . VAL   B 1 4  ? -3.791  0.544   1.389   1.00 11.98 ? 3   VAL   B CA  1 
ATOM   128 C C   . VAL   B 1 4  ? -4.372  1.570   2.358   1.00 12.88 ? 3   VAL   B C   1 
ATOM   129 O O   . VAL   B 1 4  ? -4.714  2.687   1.936   1.00 13.36 ? 3   VAL   B O   1 
ATOM   130 C CB  . VAL   B 1 4  ? -2.528  1.064   0.670   1.00 11.87 ? 3   VAL   B CB  1 
ATOM   131 C CG1 . VAL   B 1 4  ? -1.404  1.373   1.652   1.00 11.78 ? 3   VAL   B CG1 1 
ATOM   132 C CG2 . VAL   B 1 4  ? -2.045  0.023   -0.326  1.00 11.97 ? 3   VAL   B CG2 1 
ATOM   133 N N   . LYS   B 1 5  ? -4.389  1.191   3.632   1.00 12.73 ? 4   LYS   B N   1 
ATOM   134 C CA  . LYS   B 1 5  ? -4.873  2.068   4.698   1.00 15.27 ? 4   LYS   B CA  1 
ATOM   135 C C   . LYS   B 1 5  ? -3.687  2.777   5.344   1.00 13.74 ? 4   LYS   B C   1 
ATOM   136 O O   . LYS   B 1 5  ? -2.790  2.125   5.884   1.00 14.08 ? 4   LYS   B O   1 
ATOM   137 C CB  . LYS   B 1 5  ? -5.713  1.221   5.658   1.00 20.21 ? 4   LYS   B CB  1 
ATOM   138 C CG  . LYS   B 1 5  ? -6.351  2.043   6.769   1.00 31.39 ? 4   LYS   B CG  1 
ATOM   139 C CD  . LYS   B 1 5  ? -7.753  1.607   7.213   1.00 51.92 ? 4   LYS   B CD  1 
ATOM   140 C CE  . LYS   B 1 5  ? -7.876  0.417   8.154   1.00 72.23 ? 4   LYS   B CE  1 
ATOM   141 N NZ  . LYS   B 1 5  ? -9.170  -0.275  8.017   1.00 78.16 ? 4   LYS   B NZ  1 
ATOM   142 N N   . VAL   B 1 6  ? -3.699  4.092   5.272   1.00 13.10 ? 5   VAL   B N   1 
ATOM   143 C CA  . VAL   B 1 6  ? -2.636  4.971   5.728   1.00 15.84 ? 5   VAL   B CA  1 
ATOM   144 C C   . VAL   B 1 6  ? -3.325  5.959   6.696   1.00 19.47 ? 5   VAL   B C   1 
ATOM   145 O O   . VAL   B 1 6  ? -3.848  6.997   6.263   1.00 17.72 ? 5   VAL   B O   1 
ATOM   146 C CB  . VAL   B 1 6  ? -1.920  5.729   4.596   1.00 17.92 ? 5   VAL   B CB  1 
ATOM   147 C CG1 . VAL   B 1 6  ? -0.786  6.571   5.164   1.00 21.03 ? 5   VAL   B CG1 1 
ATOM   148 C CG2 . VAL   B 1 6  ? -1.438  4.793   3.514   1.00 18.14 ? 5   VAL   B CG2 1 
HETATM 149 N N   . DPR   B 1 7  ? -3.464  5.594   7.995   1.00 25.59 ? 6   DPR   B N   1 
HETATM 150 C CA  . DPR   B 1 7  ? -4.320  6.331   8.927   1.00 27.08 ? 6   DPR   B CA  1 
HETATM 151 C CB  . DPR   B 1 7  ? -4.330  5.550   10.242  1.00 27.99 ? 6   DPR   B CB  1 
HETATM 152 C CG  . DPR   B 1 7  ? -3.575  4.259   9.992   1.00 30.22 ? 6   DPR   B CG  1 
HETATM 153 C CD  . DPR   B 1 7  ? -2.947  4.366   8.624   1.00 26.05 ? 6   DPR   B CD  1 
HETATM 154 C C   . DPR   B 1 7  ? -5.755  6.402   8.433   1.00 21.77 ? 6   DPR   B C   1 
HETATM 155 O O   . DPR   B 1 7  ? -6.338  5.380   8.044   1.00 22.54 ? 6   DPR   B O   1 
ATOM   156 N N   . PRO   B 1 8  ? -6.341  7.613   8.332   1.00 22.18 ? 7   PRO   B N   1 
ATOM   157 C CA  . PRO   B 1 8  ? -7.706  7.747   7.822   1.00 25.65 ? 7   PRO   B CA  1 
ATOM   158 C C   . PRO   B 1 8  ? -7.855  7.637   6.307   1.00 25.68 ? 7   PRO   B C   1 
ATOM   159 O O   . PRO   B 1 8  ? -8.986  7.639   5.857   1.00 25.86 ? 7   PRO   B O   1 
ATOM   160 C CB  . PRO   B 1 8  ? -8.101  9.148   8.339   1.00 23.54 ? 7   PRO   B CB  1 
ATOM   161 C CG  . PRO   B 1 8  ? -6.816  9.909   8.269   1.00 22.28 ? 7   PRO   B CG  1 
ATOM   162 C CD  . PRO   B 1 8  ? -5.739  8.920   8.646   1.00 24.52 ? 7   PRO   B CD  1 
ATOM   163 N N   . THR   B 1 9  ? -6.754  7.584   5.514   1.00 21.37 ? 8   THR   B N   1 
ATOM   164 C CA  . THR   B 1 9  ? -6.880  7.461   4.052   1.00 21.28 ? 8   THR   B CA  1 
ATOM   165 C C   . THR   B 1 9  ? -6.862  5.978   3.706   1.00 21.49 ? 8   THR   B C   1 
ATOM   166 O O   . THR   B 1 9  ? -5.915  5.268   4.068   1.00 19.66 ? 8   THR   B O   1 
ATOM   167 C CB  . THR   B 1 9  ? -5.726  8.177   3.360   1.00 22.86 ? 8   THR   B CB  1 
ATOM   168 O OG1 . THR   B 1 9  ? -5.906  9.525   3.752   1.00 24.69 ? 8   THR   B OG1 1 
ATOM   169 C CG2 . THR   B 1 9  ? -5.821  8.164   1.837   1.00 22.76 ? 8   THR   B CG2 1 
ATOM   170 N N   . LYS   B 1 10 ? -7.867  5.526   2.969   1.00 18.70 ? 9   LYS   B N   1 
ATOM   171 C CA  . LYS   B 1 10 ? -7.870  4.178   2.451   1.00 19.84 ? 9   LYS   B CA  1 
ATOM   172 C C   . LYS   B 1 10 ? -7.759  4.289   0.939   1.00 17.55 ? 9   LYS   B C   1 
ATOM   173 O O   . LYS   B 1 10 ? -8.770  4.423   0.260   1.00 17.43 ? 9   LYS   B O   1 
ATOM   174 C CB  . LYS   B 1 10 ? -9.076  3.361   2.899   1.00 26.80 ? 9   LYS   B CB  1 
ATOM   175 C CG  . LYS   B 1 10 ? -8.892  1.864   2.599   1.00 33.42 ? 9   LYS   B CG  1 
ATOM   176 C CD  . LYS   B 1 10 ? -9.754  0.927   3.458   1.00 48.99 ? 9   LYS   B CD  1 
ATOM   177 C CE  . LYS   B 1 10 ? -11.242 1.020   3.222   1.00 65.88 ? 9   LYS   B CE  1 
ATOM   178 N NZ  . LYS   B 1 10 ? -12.042 0.666   4.405   1.00 74.53 ? 9   LYS   B NZ  1 
HETATM 179 N N   . A1A8T B 1 11 ? -6.521  4.189   0.445   1.00 14.20 ? 10  A1A8T B N   1 
HETATM 180 C CA  . A1A8T B 1 11 ? -6.205  4.183   -0.987  1.00 14.11 ? 10  A1A8T B CA  1 
HETATM 181 C C   . A1A8T B 1 11 ? -6.893  2.932   -1.539  1.00 12.50 ? 10  A1A8T B C   1 
HETATM 182 O O   . A1A8T B 1 11 ? -6.659  1.846   -1.006  1.00 13.00 ? 10  A1A8T B O   1 
HETATM 183 C CB  . A1A8T B 1 11 ? -4.683  4.034   -1.178  1.00 14.01 ? 10  A1A8T B CB  1 
HETATM 184 C CG1 . A1A8T B 1 11 ? -4.292  3.691   -2.622  1.00 14.85 ? 10  A1A8T B CG1 1 
HETATM 185 C CG2 . A1A8T B 1 11 ? -3.830  5.169   -0.601  1.00 16.51 ? 10  A1A8T B CG2 1 
HETATM 186 C C1  . A1A8T B 1 11 ? -6.678  5.601   -1.619  1.00 15.44 ? 10  A1A8T B C1  1 
ATOM   187 N N   . LYS   B 1 12 ? -7.611  3.038   -2.655  1.00 12.66 ? 11  LYS   B N   1 
ATOM   188 C CA  . LYS   B 1 12 ? -8.193  1.894   -3.318  1.00 16.22 ? 11  LYS   B CA  1 
ATOM   189 C C   . LYS   B 1 12 ? -7.770  1.945   -4.767  1.00 13.29 ? 11  LYS   B C   1 
ATOM   190 O O   . LYS   B 1 12 ? -8.032  2.941   -5.438  1.00 13.33 ? 11  LYS   B O   1 
ATOM   191 C CB  . LYS   B 1 12 ? -9.724  1.864   -3.247  1.00 21.37 ? 11  LYS   B CB  1 
ATOM   192 C CG  . LYS   B 1 12 ? -10.237 1.724   -1.803  1.00 35.86 ? 11  LYS   B CG  1 
ATOM   193 C CD  . LYS   B 1 12 ? -11.705 2.095   -1.503  1.00 52.91 ? 11  LYS   B CD  1 
ATOM   194 C CE  . LYS   B 1 12 ? -12.134 3.566   -1.779  1.00 62.00 ? 11  LYS   B CE  1 
ATOM   195 N NZ  . LYS   B 1 12 ? -11.476 4.631   -0.992  1.00 58.73 ? 11  LYS   B NZ  1 
ATOM   196 N N   . VAL   B 1 13 ? -7.119  0.901   -5.247  1.00 12.84 ? 12  VAL   B N   1 
ATOM   197 C CA  . VAL   B 1 13 ? -6.840  0.778   -6.676  1.00 13.57 ? 12  VAL   B CA  1 
ATOM   198 C C   . VAL   B 1 13 ? -7.520  -0.523  -7.122  1.00 13.37 ? 12  VAL   B C   1 
ATOM   199 O O   . VAL   B 1 13 ? -6.895  -1.576  -6.976  1.00 11.44 ? 12  VAL   B O   1 
ATOM   200 C CB  . VAL   B 1 13 ? -5.338  0.823   -7.039  1.00 14.39 ? 12  VAL   B CB  1 
ATOM   201 C CG1 . VAL   B 1 13 ? -5.143  0.826   -8.549  1.00 16.22 ? 12  VAL   B CG1 1 
ATOM   202 C CG2 . VAL   B 1 13 ? -4.629  1.991   -6.420  1.00 16.49 ? 12  VAL   B CG2 1 
HETATM 203 N N   . ORN   C 1 1  ? 4.295   -6.626  -9.812  1.00 24.70 ? 13  ORN   C N   1 
HETATM 204 C CA  . ORN   C 1 1  ? 3.818   -6.713  -8.421  1.00 20.36 ? 13  ORN   C CA  1 
HETATM 205 C CB  . ORN   C 1 1  ? 4.951   -7.249  -7.559  1.00 20.77 ? 13  ORN   C CB  1 
HETATM 206 C CG  . ORN   C 1 1  ? 5.143   -8.755  -7.693  1.00 20.98 ? 13  ORN   C CG  1 
HETATM 207 C CD  . ORN   C 1 1  ? 4.021   -9.590  -7.154  1.00 18.90 ? 13  ORN   C CD  1 
HETATM 208 N NE  . ORN   C 1 1  ? 3.819   -9.408  -5.732  1.00 16.68 ? 13  ORN   C NE  1 
HETATM 209 C C   . ORN   C 1 1  ? 3.394   -5.319  -7.966  1.00 17.21 ? 13  ORN   C C   1 
HETATM 210 O O   . ORN   C 1 1  ? 3.945   -4.306  -8.412  1.00 17.14 ? 13  ORN   C O   1 
ATOM   211 N N   . VAL   C 1 2  ? 2.535   -5.323  -6.971  1.00 13.85 ? 1   VAL   C N   1 
ATOM   212 C CA  . VAL   C 1 2  ? 2.209   -4.172  -6.164  1.00 13.43 ? 1   VAL   C CA  1 
ATOM   213 C C   . VAL   C 1 2  ? 3.391   -3.853  -5.251  1.00 12.81 ? 1   VAL   C C   1 
ATOM   214 O O   . VAL   C 1 2  ? 3.981   -4.764  -4.686  1.00 12.11 ? 1   VAL   C O   1 
ATOM   215 C CB  . VAL   C 1 2  ? 0.937   -4.448  -5.353  1.00 14.29 ? 1   VAL   C CB  1 
ATOM   216 C CG1 . VAL   C 1 2  ? 0.636   -3.337  -4.399  1.00 16.16 ? 1   VAL   C CG1 1 
ATOM   217 C CG2 . VAL   C 1 2  ? -0.232  -4.634  -6.314  1.00 16.77 ? 1   VAL   C CG2 1 
ATOM   218 N N   . LYS   C 1 3  ? 3.730   -2.567  -5.127  1.00 10.64 ? 2   LYS   C N   1 
ATOM   219 C CA  . LYS   C 1 3  ? 4.797   -2.131  -4.249  1.00 14.30 ? 2   LYS   C CA  1 
ATOM   220 C C   . LYS   C 1 3  ? 4.199   -1.082  -3.335  1.00 12.56 ? 2   LYS   C C   1 
ATOM   221 O O   . LYS   C 1 3  ? 3.583   -0.128  -3.815  1.00 11.99 ? 2   LYS   C O   1 
ATOM   222 C CB  . LYS   C 1 3  ? 5.987   -1.652  -5.094  1.00 22.54 ? 2   LYS   C CB  1 
ATOM   223 C CG  . LYS   C 1 3  ? 7.045   -0.837  -4.348  1.00 44.97 ? 2   LYS   C CG  1 
ATOM   224 C CD  . LYS   C 1 3  ? 8.128   0.016   -5.057  1.00 74.10 ? 2   LYS   C CD  1 
ATOM   225 C CE  . LYS   C 1 3  ? 7.956   0.834   -6.354  1.00 81.87 ? 2   LYS   C CE  1 
ATOM   226 N NZ  . LYS   C 1 3  ? 9.079   1.760   -6.569  1.00 80.23 ? 2   LYS   C NZ  1 
ATOM   227 N N   . VAL   C 1 4  ? 4.453   -1.205  -2.031  1.00 10.65 ? 3   VAL   C N   1 
ATOM   228 C CA  . VAL   C 1 4  ? 4.013   -0.237  -1.041  1.00 10.85 ? 3   VAL   C CA  1 
ATOM   229 C C   . VAL   C 1 4  ? 5.252   0.096   -0.218  1.00 11.70 ? 3   VAL   C C   1 
ATOM   230 O O   . VAL   C 1 4  ? 5.760   -0.785  0.475   1.00 13.18 ? 3   VAL   C O   1 
ATOM   231 C CB  . VAL   C 1 4  ? 2.828   -0.688  -0.170  1.00 11.97 ? 3   VAL   C CB  1 
ATOM   232 C CG1 . VAL   C 1 4  ? 2.411   0.428   0.797   1.00 12.48 ? 3   VAL   C CG1 1 
ATOM   233 C CG2 . VAL   C 1 4  ? 1.626   -0.977  -1.054  1.00 13.26 ? 3   VAL   C CG2 1 
ATOM   234 N N   . LYS   C 1 5  ? 5.736   1.335   -0.364  1.00 11.18 ? 4   LYS   C N   1 
ATOM   235 C CA  . LYS   C 1 5  ? 6.887   1.818   0.378   1.00 13.24 ? 4   LYS   C CA  1 
ATOM   236 C C   . LYS   C 1 5  ? 6.410   2.508   1.648   1.00 11.12 ? 4   LYS   C C   1 
ATOM   237 O O   . LYS   C 1 5  ? 5.694   3.493   1.568   1.00 11.36 ? 4   LYS   C O   1 
ATOM   238 C CB  . LYS   C 1 5  ? 7.783   2.692   -0.491  1.00 17.34 ? 4   LYS   C CB  1 
ATOM   239 C CG  . LYS   C 1 5  ? 9.111   3.003   0.203   1.00 24.11 ? 4   LYS   C CG  1 
ATOM   240 C CD  . LYS   C 1 5  ? 9.953   4.008   -0.571  1.00 38.64 ? 4   LYS   C CD  1 
ATOM   241 C CE  . LYS   C 1 5  ? 11.421  3.777   -0.338  1.00 51.67 ? 4   LYS   C CE  1 
ATOM   242 N NZ  . LYS   C 1 5  ? 12.218  4.811   -1.012  1.00 64.05 ? 4   LYS   C NZ  1 
ATOM   243 N N   . VAL   C 1 6  ? 6.843   1.980   2.782   1.00 12.04 ? 5   VAL   C N   1 
ATOM   244 C CA  . VAL   C 1 6  ? 6.478   2.448   4.107   1.00 14.34 ? 5   VAL   C CA  1 
ATOM   245 C C   . VAL   C 1 6  ? 7.812   2.735   4.817   1.00 15.12 ? 5   VAL   C C   1 
ATOM   246 O O   . VAL   C 1 6  ? 8.358   1.848   5.434   1.00 15.15 ? 5   VAL   C O   1 
ATOM   247 C CB  . VAL   C 1 6  ? 5.610   1.478   4.934   1.00 13.34 ? 5   VAL   C CB  1 
ATOM   248 C CG1 . VAL   C 1 6  ? 5.178   2.131   6.219   1.00 13.97 ? 5   VAL   C CG1 1 
ATOM   249 C CG2 . VAL   C 1 6  ? 4.415   0.984   4.149   1.00 13.96 ? 5   VAL   C CG2 1 
HETATM 250 N N   . DPR   C 1 7  ? 8.392   3.943   4.673   1.00 17.53 ? 6   DPR   C N   1 
HETATM 251 C CA  . DPR   C 1 7  ? 9.721   4.225   5.219   1.00 18.71 ? 6   DPR   C CA  1 
HETATM 252 C CB  . DPR   C 1 7  ? 10.049  5.657   4.819   1.00 20.65 ? 6   DPR   C CB  1 
HETATM 253 C CG  . DPR   C 1 7  ? 8.943   6.123   3.870   1.00 23.39 ? 6   DPR   C CG  1 
HETATM 254 C CD  . DPR   C 1 7  ? 7.871   5.068   3.887   1.00 19.54 ? 6   DPR   C CD  1 
HETATM 255 C C   . DPR   C 1 7  ? 10.765  3.329   4.580   1.00 17.20 ? 6   DPR   C C   1 
HETATM 256 O O   . DPR   C 1 7  ? 10.791  3.223   3.357   1.00 17.22 ? 6   DPR   C O   1 
ATOM   257 N N   . PRO   C 1 8  ? 11.570  2.591   5.346   1.00 15.29 ? 7   PRO   C N   1 
ATOM   258 C CA  . PRO   C 1 8  ? 12.521  1.653   4.745   1.00 17.21 ? 7   PRO   C CA  1 
ATOM   259 C C   . PRO   C 1 8  ? 11.915  0.361   4.210   1.00 19.22 ? 7   PRO   C C   1 
ATOM   260 O O   . PRO   C 1 8  ? 12.657  -0.392  3.600   1.00 20.77 ? 7   PRO   C O   1 
ATOM   261 C CB  . PRO   C 1 8  ? 13.444  1.364   5.931   1.00 16.74 ? 7   PRO   C CB  1 
ATOM   262 C CG  . PRO   C 1 8  ? 12.519  1.417   7.119   1.00 15.94 ? 7   PRO   C CG  1 
ATOM   263 C CD  . PRO   C 1 8  ? 11.593  2.527   6.812   1.00 16.35 ? 7   PRO   C CD  1 
ATOM   264 N N   . THR   C 1 9  ? 10.630  0.034   4.520   1.00 15.73 ? 8   THR   C N   1 
ATOM   265 C CA  . THR   C 1 9  ? 10.054  -1.262  4.151   1.00 15.12 ? 8   THR   C CA  1 
ATOM   266 C C   . THR   C 1 9  ? 9.373   -1.097  2.800   1.00 16.76 ? 8   THR   C C   1 
ATOM   267 O O   . THR   C 1 9  ? 8.470   -0.261  2.638   1.00 18.74 ? 8   THR   C O   1 
ATOM   268 C CB  . THR   C 1 9  ? 9.034   -1.712  5.184   1.00 19.31 ? 8   THR   C CB  1 
ATOM   269 O OG1 . THR   C 1 9  ? 9.674   -1.700  6.455   1.00 21.56 ? 8   THR   C OG1 1 
ATOM   270 C CG2 . THR   C 1 9  ? 8.486   -3.108  4.957   1.00 20.31 ? 8   THR   C CG2 1 
ATOM   271 N N   . LYS   C 1 10 ? 9.763   -1.930  1.838   1.00 14.39 ? 9   LYS   C N   1 
ATOM   272 C CA  . LYS   C 1 10 ? 9.129   -1.921  0.536   1.00 18.87 ? 9   LYS   C CA  1 
ATOM   273 C C   . LYS   C 1 10 ? 8.392   -3.233  0.381   1.00 15.73 ? 9   LYS   C C   1 
ATOM   274 O O   . LYS   C 1 10 ? 8.988   -4.224  -0.043  1.00 14.89 ? 9   LYS   C O   1 
ATOM   275 C CB  . LYS   C 1 10 ? 10.191  -1.664  -0.519  1.00 28.17 ? 9   LYS   C CB  1 
ATOM   276 C CG  . LYS   C 1 10 ? 9.535   -1.311  -1.874  1.00 48.42 ? 9   LYS   C CG  1 
ATOM   277 C CD  . LYS   C 1 10 ? 10.599  -0.831  -2.880  1.00 75.44 ? 9   LYS   C CD  1 
ATOM   278 C CE  . LYS   C 1 10 ? 11.147  -1.944  -3.779  1.00 89.35 ? 9   LYS   C CE  1 
ATOM   279 N NZ  . LYS   C 1 10 ? 12.361  -1.630  -4.557  1.00 85.65 ? 9   LYS   C NZ  1 
HETATM 280 N N   . A1A8T C 1 11 ? 7.104   -3.221  0.758   1.00 12.93 ? 10  A1A8T C N   1 
HETATM 281 C CA  . A1A8T C 1 11 ? 6.207   -4.373  0.673   1.00 13.81 ? 10  A1A8T C CA  1 
HETATM 282 C C   . A1A8T C 1 11 ? 6.066   -4.657  -0.833  1.00 13.49 ? 10  A1A8T C C   1 
HETATM 283 O O   . A1A8T C 1 11 ? 5.825   -3.718  -1.606  1.00 13.06 ? 10  A1A8T C O   1 
HETATM 284 C CB  . A1A8T C 1 11 ? 4.824   -3.959  1.209   1.00 15.96 ? 10  A1A8T C CB  1 
HETATM 285 C CG1 . A1A8T C 1 11 ? 3.716   -4.989  0.896   1.00 18.93 ? 10  A1A8T C CG1 1 
HETATM 286 C CG2 . A1A8T C 1 11 ? 4.817   -3.505  2.687   1.00 18.38 ? 10  A1A8T C CG2 1 
HETATM 287 C C1  . A1A8T C 1 11 ? 6.815   -5.563  1.550   1.00 12.37 ? 10  A1A8T C C1  1 
ATOM   288 N N   . LYS   C 1 12 ? 6.233   -5.916  -1.274  1.00 11.96 ? 11  LYS   C N   1 
ATOM   289 C CA  . LYS   C 1 12 ? 6.045   -6.290  -2.653  1.00 13.99 ? 11  LYS   C CA  1 
ATOM   290 C C   . LYS   C 1 12 ? 5.070   -7.442  -2.682  1.00 12.76 ? 11  LYS   C C   1 
ATOM   291 O O   . LYS   C 1 12 ? 5.337   -8.471  -2.075  1.00 11.81 ? 11  LYS   C O   1 
ATOM   292 C CB  . LYS   C 1 12 ? 7.395   -6.641  -3.268  1.00 19.79 ? 11  LYS   C CB  1 
ATOM   293 C CG  . LYS   C 1 12 ? 7.348   -6.944  -4.724  1.00 35.42 ? 11  LYS   C CG  1 
ATOM   294 C CD  . LYS   C 1 12 ? 8.725   -6.881  -5.423  1.00 53.68 ? 11  LYS   C CD  1 
ATOM   295 C CE  . LYS   C 1 12 ? 9.004   -7.981  -6.450  1.00 65.98 ? 11  LYS   C CE  1 
ATOM   296 N NZ  . LYS   C 1 12 ? 9.498   -7.528  -7.767  1.00 73.25 ? 11  LYS   C NZ  1 
ATOM   297 N N   . VAL   C 1 13 ? 3.963   -7.283  -3.388  1.00 11.85 ? 12  VAL   C N   1 
ATOM   298 C CA  . VAL   C 1 13 ? 3.070   -8.404  -3.629  1.00 13.22 ? 12  VAL   C CA  1 
ATOM   299 C C   . VAL   C 1 13 ? 2.987   -8.558  -5.165  1.00 14.27 ? 12  VAL   C C   1 
ATOM   300 O O   . VAL   C 1 13 ? 2.181   -7.873  -5.793  1.00 12.37 ? 12  VAL   C O   1 
ATOM   301 C CB  . VAL   C 1 13 ? 1.683   -8.239  -3.001  1.00 14.55 ? 12  VAL   C CB  1 
ATOM   302 C CG1 . VAL   C 1 13 ? 0.819   -9.461  -3.185  1.00 15.65 ? 12  VAL   C CG1 1 
ATOM   303 C CG2 . VAL   C 1 13 ? 1.737   -7.880  -1.541  1.00 15.85 ? 12  VAL   C CG2 1 
HETATM 304 N N   . ORN   D 1 1  ? 5.784   9.743   4.053   1.00 26.28 ? 13  ORN   D N   1 
HETATM 305 C CA  . ORN   D 1 1  ? 4.614   9.369   3.216   1.00 23.37 ? 13  ORN   D CA  1 
HETATM 306 C CB  . ORN   D 1 1  ? 4.422   10.284  1.996   1.00 23.39 ? 13  ORN   D CB  1 
HETATM 307 C CG  . ORN   D 1 1  ? 3.864   11.648  2.351   1.00 25.26 ? 13  ORN   D CG  1 
HETATM 308 C CD  . ORN   D 1 1  ? 2.506   11.659  3.029   1.00 28.76 ? 13  ORN   D CD  1 
HETATM 309 N NE  . ORN   D 1 1  ? 1.455   11.125  2.173   1.00 24.98 ? 13  ORN   D NE  1 
HETATM 310 C C   . ORN   D 1 1  ? 4.804   7.933   2.731   1.00 17.19 ? 13  ORN   D C   1 
HETATM 311 O O   . ORN   D 1 1  ? 5.924   7.425   2.638   1.00 20.75 ? 13  ORN   D O   1 
ATOM   312 N N   . VAL   D 1 2  ? 3.674   7.322   2.442   1.00 14.58 ? 1   VAL   D N   1 
ATOM   313 C CA  . VAL   D 1 2  ? 3.619   5.991   1.902   1.00 14.78 ? 1   VAL   D CA  1 
ATOM   314 C C   . VAL   D 1 2  ? 3.514   6.162   0.393   1.00 14.00 ? 1   VAL   D C   1 
ATOM   315 O O   . VAL   D 1 2  ? 2.616   6.851   -0.048  1.00 14.53 ? 1   VAL   D O   1 
ATOM   316 C CB  . VAL   D 1 2  ? 2.422   5.237   2.528   1.00 14.84 ? 1   VAL   D CB  1 
ATOM   317 C CG1 . VAL   D 1 2  ? 2.146   3.946   1.807   1.00 15.52 ? 1   VAL   D CG1 1 
ATOM   318 C CG2 . VAL   D 1 2  ? 2.696   4.974   3.983   1.00 16.24 ? 1   VAL   D CG2 1 
ATOM   319 N N   . LYS   D 1 3  ? 4.294   5.403   -0.363  1.00 11.97 ? 2   LYS   D N   1 
ATOM   320 C CA  . LYS   D 1 3  ? 4.175   5.357   -1.802  1.00 16.14 ? 2   LYS   D CA  1 
ATOM   321 C C   . LYS   D 1 3  ? 3.538   4.026   -2.227  1.00 15.10 ? 2   LYS   D C   1 
ATOM   322 O O   . LYS   D 1 3  ? 4.032   2.978   -1.819  1.00 13.50 ? 2   LYS   D O   1 
ATOM   323 C CB  . LYS   D 1 3  ? 5.592   5.550   -2.378  1.00 21.67 ? 2   LYS   D CB  1 
ATOM   324 C CG  . LYS   D 1 3  ? 5.648   6.315   -3.667  1.00 41.94 ? 2   LYS   D CG  1 
ATOM   325 C CD  . LYS   D 1 3  ? 4.712   5.912   -4.817  1.00 52.70 ? 2   LYS   D CD  1 
ATOM   326 C CE  . LYS   D 1 3  ? 4.885   6.726   -6.066  1.00 64.61 ? 2   LYS   D CE  1 
ATOM   327 N NZ  . LYS   D 1 3  ? 6.049   6.221   -6.812  1.00 74.39 ? 2   LYS   D NZ  1 
ATOM   328 N N   . VAL   D 1 4  ? 2.492   4.085   -3.083  1.00 12.59 ? 3   VAL   D N   1 
ATOM   329 C CA  . VAL   D 1 4  ? 1.775   2.927   -3.580  1.00 12.97 ? 3   VAL   D CA  1 
ATOM   330 C C   . VAL   D 1 4  ? 1.955   2.884   -5.102  1.00 12.87 ? 3   VAL   D C   1 
ATOM   331 O O   . VAL   D 1 4  ? 1.709   3.878   -5.770  1.00 13.63 ? 3   VAL   D O   1 
ATOM   332 C CB  . VAL   D 1 4  ? 0.294   2.960   -3.174  1.00 14.30 ? 3   VAL   D CB  1 
ATOM   333 C CG1 . VAL   D 1 4  ? -0.418  1.702   -3.654  1.00 16.45 ? 3   VAL   D CG1 1 
ATOM   334 C CG2 . VAL   D 1 4  ? 0.178   3.139   -1.662  1.00 13.69 ? 3   VAL   D CG2 1 
ATOM   335 N N   . LYS   D 1 5  ? 2.358   1.731   -5.612  1.00 11.54 ? 4   LYS   D N   1 
ATOM   336 C CA  . LYS   D 1 5  ? 2.461   1.452   -7.034  1.00 12.99 ? 4   LYS   D CA  1 
ATOM   337 C C   . LYS   D 1 5  ? 1.678   0.177   -7.323  1.00 12.72 ? 4   LYS   D C   1 
ATOM   338 O O   . LYS   D 1 5  ? 2.008   -0.872  -6.782  1.00 11.01 ? 4   LYS   D O   1 
ATOM   339 C CB  . LYS   D 1 5  ? 3.941   1.438   -7.399  1.00 15.69 ? 4   LYS   D CB  1 
ATOM   340 C CG  . LYS   D 1 5  ? 4.110   1.391   -8.893  1.00 26.81 ? 4   LYS   D CG  1 
ATOM   341 C CD  . LYS   D 1 5  ? 5.599   1.429   -9.303  1.00 39.93 ? 4   LYS   D CD  1 
ATOM   342 C CE  . LYS   D 1 5  ? 5.764   1.947   -10.714 1.00 53.30 ? 4   LYS   D CE  1 
ATOM   343 N NZ  . LYS   D 1 5  ? 4.881   1.331   -11.724 1.00 57.13 ? 4   LYS   D NZ  1 
ATOM   344 N N   . VAL   D 1 6  ? 0.643   0.294   -8.183  1.00 12.07 ? 5   VAL   D N   1 
ATOM   345 C CA  . VAL   D 1 6  ? -0.211  -0.795  -8.593  1.00 14.03 ? 5   VAL   D CA  1 
ATOM   346 C C   . VAL   D 1 6  ? -0.166  -0.799  -10.111 1.00 17.89 ? 5   VAL   D C   1 
ATOM   347 O O   . VAL   D 1 6  ? -0.958  -0.104  -10.712 1.00 15.64 ? 5   VAL   D O   1 
ATOM   348 C CB  . VAL   D 1 6  ? -1.644  -0.726  -8.062  1.00 14.94 ? 5   VAL   D CB  1 
ATOM   349 C CG1 . VAL   D 1 6  ? -2.451  -1.946  -8.540  1.00 18.99 ? 5   VAL   D CG1 1 
ATOM   350 C CG2 . VAL   D 1 6  ? -1.608  -0.589  -6.573  1.00 14.26 ? 5   VAL   D CG2 1 
HETATM 351 N N   . DPR   D 1 7  ? 0.827   -1.485  -10.736 1.00 22.31 ? 6   DPR   D N   1 
HETATM 352 C CA  . DPR   D 1 7  ? 1.030   -1.428  -12.172 1.00 23.17 ? 6   DPR   D CA  1 
HETATM 353 C CB  . DPR   D 1 7  ? 2.217   -2.349  -12.523 1.00 28.13 ? 6   DPR   D CB  1 
HETATM 354 C CG  . DPR   D 1 7  ? 2.842   -2.723  -11.202 1.00 27.75 ? 6   DPR   D CG  1 
HETATM 355 C CD  . DPR   D 1 7  ? 1.852   -2.330  -10.108 1.00 24.44 ? 6   DPR   D CD  1 
HETATM 356 C C   . DPR   D 1 7  ? 1.357   0.002   -12.543 1.00 19.60 ? 6   DPR   D C   1 
HETATM 357 O O   . DPR   D 1 7  ? 2.200   0.647   -11.899 1.00 18.46 ? 6   DPR   D O   1 
ATOM   358 N N   . PRO   D 1 8  ? 0.645   0.578   -13.543 1.00 16.03 ? 7   PRO   D N   1 
ATOM   359 C CA  . PRO   D 1 8  ? 0.934   1.963   -13.936 1.00 18.44 ? 7   PRO   D CA  1 
ATOM   360 C C   . PRO   D 1 8  ? 0.293   3.026   -13.048 1.00 16.37 ? 7   PRO   D C   1 
ATOM   361 O O   . PRO   D 1 8  ? 0.317   4.192   -13.410 1.00 15.45 ? 7   PRO   D O   1 
ATOM   362 C CB  . PRO   D 1 8  ? 0.332   1.990   -15.373 1.00 17.84 ? 7   PRO   D CB  1 
ATOM   363 C CG  . PRO   D 1 8  ? -0.806  1.049   -15.326 1.00 16.95 ? 7   PRO   D CG  1 
ATOM   364 C CD  . PRO   D 1 8  ? -0.437  -0.038  -14.315 1.00 17.62 ? 7   PRO   D CD  1 
ATOM   365 N N   . THR   D 1 9  ? -0.414  2.622   -11.973 1.00 14.25 ? 8   THR   D N   1 
ATOM   366 C CA  . THR   D 1 9  ? -1.077  3.562   -11.077 1.00 14.93 ? 8   THR   D CA  1 
ATOM   367 C C   . THR   D 1 9  ? -0.113  3.798   -9.922  1.00 15.51 ? 8   THR   D C   1 
ATOM   368 O O   . THR   D 1 9  ? 0.360   2.860   -9.310  1.00 13.17 ? 8   THR   D O   1 
ATOM   369 C CB  . THR   D 1 9  ? -2.430  3.083   -10.577 1.00 18.01 ? 8   THR   D CB  1 
ATOM   370 O OG1 . THR   D 1 9  ? -3.233  2.926   -11.746 1.00 19.48 ? 8   THR   D OG1 1 
ATOM   371 C CG2 . THR   D 1 9  ? -3.125  4.116   -9.712  1.00 19.99 ? 8   THR   D CG2 1 
ATOM   372 N N   . LYS   D 1 10 ? 0.102   5.060   -9.575  1.00 13.86 ? 9   LYS   D N   1 
ATOM   373 C CA  . LYS   D 1 10 ? 0.907   5.410   -8.427  1.00 19.76 ? 9   LYS   D CA  1 
ATOM   374 C C   . LYS   D 1 10 ? 0.215   6.548   -7.686  1.00 17.65 ? 9   LYS   D C   1 
ATOM   375 O O   . LYS   D 1 10 ? -0.408  7.384   -8.310  1.00 19.00 ? 9   LYS   D O   1 
ATOM   376 C CB  . LYS   D 1 10 ? 2.322   5.732   -8.910  1.00 26.77 ? 9   LYS   D CB  1 
ATOM   377 C CG  . LYS   D 1 10 ? 2.551   7.013   -9.679  1.00 42.73 ? 9   LYS   D CG  1 
ATOM   378 C CD  . LYS   D 1 10 ? 4.031   7.146   -10.106 1.00 59.65 ? 9   LYS   D CD  1 
ATOM   379 C CE  . LYS   D 1 10 ? 4.528   8.566   -10.350 1.00 68.01 ? 9   LYS   D CE  1 
ATOM   380 N NZ  . LYS   D 1 10 ? 4.498   9.386   -9.128  1.00 73.19 ? 9   LYS   D NZ  1 
HETATM 381 N N   . A1A8T D 1 11 ? 0.386   6.586   -6.374  1.00 17.69 ? 10  A1A8T D N   1 
HETATM 382 C CA  . A1A8T D 1 11 ? -0.174  7.601   -5.459  1.00 21.17 ? 10  A1A8T D CA  1 
HETATM 383 C C   . A1A8T D 1 11 ? 0.791   7.581   -4.249  1.00 18.61 ? 10  A1A8T D C   1 
HETATM 384 O O   . A1A8T D 1 11 ? 1.486   6.590   -3.976  1.00 14.72 ? 10  A1A8T D O   1 
HETATM 385 C CB  . A1A8T D 1 11 ? -1.659  7.288   -5.117  1.00 27.52 ? 10  A1A8T D CB  1 
HETATM 386 C CG1 . A1A8T D 1 11 ? -1.803  6.181   -4.120  1.00 28.25 ? 10  A1A8T D CG1 1 
HETATM 387 C CG2 . A1A8T D 1 11 ? -2.538  8.411   -4.529  1.00 39.20 ? 10  A1A8T D CG2 1 
HETATM 388 C C1  . A1A8T D 1 11 ? -0.064  9.076   -6.028  0.50 21.25 ? 10  A1A8T D C1  1 
ATOM   389 N N   . LYS   D 1 12 ? 0.796   8.681   -3.502  1.00 18.73 ? 11  LYS   D N   1 
ATOM   390 C CA  . LYS   D 1 12 ? 1.625   8.885   -2.330  1.00 24.70 ? 11  LYS   D CA  1 
ATOM   391 C C   . LYS   D 1 12 ? 0.711   9.466   -1.266  1.00 22.65 ? 11  LYS   D C   1 
ATOM   392 O O   . LYS   D 1 12 ? -0.046  10.378  -1.587  1.00 23.31 ? 11  LYS   D O   1 
ATOM   393 C CB  . LYS   D 1 12 ? 2.730   9.876   -2.683  1.00 30.10 ? 11  LYS   D CB  1 
ATOM   394 C CG  . LYS   D 1 12 ? 3.810   9.951   -1.658  1.00 43.74 ? 11  LYS   D CG  1 
ATOM   395 C CD  . LYS   D 1 12 ? 5.073   10.705  -2.074  1.00 52.58 ? 11  LYS   D CD  1 
ATOM   396 C CE  . LYS   D 1 12 ? 5.697   10.320  -3.403  1.00 67.40 ? 11  LYS   D CE  1 
ATOM   397 N NZ  . LYS   D 1 12 ? 7.162   10.460  -3.496  1.00 77.86 ? 11  LYS   D NZ  1 
ATOM   398 N N   . VAL   D 1 13 ? 0.767   8.934   -0.057  1.00 18.77 ? 12  VAL   D N   1 
ATOM   399 C CA  . VAL   D 1 13 ? 0.019   9.481   1.058   1.00 21.14 ? 12  VAL   D CA  1 
ATOM   400 C C   . VAL   D 1 13 ? 1.045   9.850   2.141   1.00 21.78 ? 12  VAL   D C   1 
ATOM   401 O O   . VAL   D 1 13 ? 1.467   8.948   2.873   1.00 22.16 ? 12  VAL   D O   1 
ATOM   402 C CB  . VAL   D 1 13 ? -1.080  8.534   1.601   1.00 22.44 ? 12  VAL   D CB  1 
ATOM   403 C CG1 . VAL   D 1 13 ? -1.905  9.209   2.706   1.00 24.99 ? 12  VAL   D CG1 1 
ATOM   404 C CG2 . VAL   D 1 13 ? -1.962  8.013   0.499   1.00 24.02 ? 12  VAL   D CG2 1 
HETATM 405 C CAC . FLC   E 2 .  ? 0.721   7.061   10.109  1.00 69.59 ? 101 FLC   B CAC 1 
HETATM 406 C CA  . FLC   E 2 .  ? 1.466   7.345   11.407  1.00 71.92 ? 101 FLC   B CA  1 
HETATM 407 C CB  . FLC   E 2 .  ? 2.701   8.283   11.367  1.00 76.71 ? 101 FLC   B CB  1 
HETATM 408 C CBC . FLC   E 2 .  ? 3.802   7.825   10.338  1.00 69.23 ? 101 FLC   B CBC 1 
HETATM 409 C CG  . FLC   E 2 .  ? 2.271   9.745   11.148  1.00 77.10 ? 101 FLC   B CG  1 
HETATM 410 C CGC . FLC   E 2 .  ? 3.273   10.774  11.653  1.00 74.61 ? 101 FLC   B CGC 1 
HETATM 411 O OA1 . FLC   E 2 .  ? 0.401   8.026   9.422   1.00 67.56 ? 101 FLC   B OA1 1 
HETATM 412 O OA2 . FLC   E 2 .  ? 0.525   5.869   9.748   1.00 62.69 ? 101 FLC   B OA2 1 
HETATM 413 O OB1 . FLC   E 2 .  ? 3.435   7.020   9.486   1.00 77.31 ? 101 FLC   B OB1 1 
HETATM 414 O OB2 . FLC   E 2 .  ? 5.035   8.211   10.426  1.00 46.52 ? 101 FLC   B OB2 1 
HETATM 415 O OG1 . FLC   E 2 .  ? 3.339   11.003  12.882  1.00 66.61 ? 101 FLC   B OG1 1 
HETATM 416 O OG2 . FLC   E 2 .  ? 4.027   11.288  10.821  1.00 85.62 ? 101 FLC   B OG2 1 
HETATM 417 O OHB . FLC   E 2 .  ? 3.230   8.213   12.672  1.00 94.57 ? 101 FLC   B OHB 1 
HETATM 418 O OH2 . 1PE   F 3 .  ? 9.230   10.011  7.152   1.00 62.93 ? 101 1PE   D OH2 1 
HETATM 419 C C12 . 1PE   F 3 .  ? 7.887   9.702   7.240   1.00 59.65 ? 101 1PE   D C12 1 
HETATM 420 C C22 . 1PE   F 3 .  ? 7.651   8.400   6.597   1.00 54.80 ? 101 1PE   D C22 1 
HETATM 421 O OH3 . 1PE   F 3 .  ? 6.449   7.831   7.088   1.00 52.87 ? 101 1PE   D OH3 1 
HETATM 422 C C13 . 1PE   F 3 .  ? 4.531   6.573   6.628   1.00 40.21 ? 101 1PE   D C13 1 
HETATM 423 C C23 . 1PE   F 3 .  ? 5.938   6.747   6.317   1.00 40.56 ? 101 1PE   D C23 1 
HETATM 424 O OH4 . 1PE   F 3 .  ? 3.840   7.699   6.088   1.00 39.98 ? 101 1PE   D OH4 1 
HETATM 425 C C14 . 1PE   F 3 .  ? 2.151   9.375   6.335   1.00 40.47 ? 101 1PE   D C14 1 
HETATM 426 C C24 . 1PE   F 3 .  ? 2.486   7.926   6.522   1.00 43.09 ? 101 1PE   D C24 1 
HETATM 427 O OH5 . 1PE   F 3 .  ? 3.358   10.121  6.450   1.00 54.39 ? 101 1PE   D OH5 1 
HETATM 428 C C15 . 1PE   F 3 .  ? 4.632   11.922  7.232   1.00 64.42 ? 101 1PE   D C15 1 
HETATM 429 C C25 . 1PE   F 3 .  ? 3.262   11.489  6.840   1.00 59.70 ? 101 1PE   D C25 1 
HETATM 430 O OH6 . 1PE   F 3 .  ? 5.466   12.055  6.078   1.00 62.30 ? 101 1PE   D OH6 1 
HETATM 431 C C16 . 1PE   F 3 .  ? 6.515   13.494  4.418   1.00 62.41 ? 101 1PE   D C16 1 
HETATM 432 C C26 . 1PE   F 3 .  ? 5.394   13.318  5.412   1.00 59.76 ? 101 1PE   D C26 1 
HETATM 433 O OH7 . 1PE   F 3 .  ? 7.367   12.370  4.302   1.00 63.82 ? 101 1PE   D OH7 1 
HETATM 434 O O   . HOH   G 4 .  ? -2.477  -11.691 -3.532  1.00 26.47 ? 101 HOH   A O   1 
HETATM 435 O O   . HOH   G 4 .  ? -2.672  -1.112  13.316  1.00 47.89 ? 102 HOH   A O   1 
HETATM 436 O O   . HOH   G 4 .  ? 4.435   -3.973  11.848  1.00 38.60 ? 103 HOH   A O   1 
HETATM 437 O O   . HOH   H 4 .  ? 4.994   8.747   14.411  1.00 29.70 ? 201 HOH   B O   1 
HETATM 438 O O   . HOH   H 4 .  ? -0.207  4.230   11.650  1.00 44.54 ? 202 HOH   B O   1 
HETATM 439 O O   . HOH   H 4 .  ? -4.086  9.672   5.697   1.00 42.30 ? 203 HOH   B O   1 
HETATM 440 O O   . HOH   H 4 .  ? -9.918  7.522   2.321   1.00 32.75 ? 204 HOH   B O   1 
HETATM 441 O O   . HOH   H 4 .  ? -5.977  -2.407  3.701   1.00 29.97 ? 205 HOH   B O   1 
HETATM 442 O O   . HOH   H 4 .  ? -5.964  -3.358  -9.637  1.00 43.32 ? 206 HOH   B O   1 
HETATM 443 O O   . HOH   I 4 .  ? 10.495  -6.117  -1.549  1.00 50.60 ? 101 HOH   C O   1 
HETATM 444 O O   . HOH   I 4 .  ? 8.705   0.799   8.144   1.00 23.64 ? 102 HOH   C O   1 
HETATM 445 O O   . HOH   I 4 .  ? 1.716   -6.278  -11.380 1.00 52.96 ? 103 HOH   C O   1 
HETATM 446 O O   . HOH   I 4 .  ? -0.383  -9.192  -7.264  1.00 47.09 ? 104 HOH   C O   1 
HETATM 447 O O   . HOH   I 4 .  ? 12.433  7.397   1.793   1.00 49.91 ? 105 HOH   C O   1 
HETATM 448 O O   . HOH   J 4 .  ? -3.440  0.143   -12.006 1.00 28.17 ? 201 HOH   D O   1 
HETATM 449 O O   . HOH   J 4 .  ? 6.030   2.144   -4.139  1.00 33.01 ? 202 HOH   D O   1 
HETATM 450 O O   . HOH   J 4 .  ? 0.671   13.308  -0.009  1.00 45.97 ? 203 HOH   D O   1 
# 
